data_2B19
#
_entry.id   2B19
#
_entity_poly.entity_id   1
_entity_poly.type   'polypeptide(L)'
_entity_poly.pdbx_seq_one_letter_code
;DADSSIEKQVALLKALYGHGQISHKRHKTDSFVGLM
;
_entity_poly.pdbx_strand_id   A
#
# COMPACT_ATOMS: atom_id res chain seq x y z
N ASP A 1 0.08 24.41 -19.17
CA ASP A 1 0.72 24.40 -17.88
C ASP A 1 -0.10 23.56 -16.91
N ALA A 2 -1.36 23.37 -17.26
CA ALA A 2 -2.28 22.60 -16.44
C ALA A 2 -1.94 21.11 -16.57
N ASP A 3 -1.19 20.80 -17.63
CA ASP A 3 -0.80 19.43 -17.89
C ASP A 3 -0.11 18.86 -16.65
N SER A 4 0.38 19.76 -15.82
CA SER A 4 1.07 19.37 -14.60
C SER A 4 0.06 18.86 -13.58
N SER A 5 -1.21 19.01 -13.91
CA SER A 5 -2.28 18.56 -13.03
C SER A 5 -2.39 17.04 -13.06
N ILE A 6 -1.88 16.47 -14.14
CA ILE A 6 -1.92 15.02 -14.31
C ILE A 6 -0.86 14.38 -13.41
N GLU A 7 0.14 15.19 -13.06
CA GLU A 7 1.22 14.72 -12.21
C GLU A 7 0.71 14.49 -10.78
N LYS A 8 -0.38 15.17 -10.47
CA LYS A 8 -0.98 15.05 -9.14
C LYS A 8 -1.65 13.68 -9.02
N GLN A 9 -1.98 13.12 -10.17
CA GLN A 9 -2.63 11.82 -10.19
C GLN A 9 -1.66 10.73 -9.73
N VAL A 10 -0.38 11.03 -9.85
CA VAL A 10 0.66 10.09 -9.45
C VAL A 10 0.56 9.86 -7.94
N ALA A 11 0.00 10.84 -7.25
CA ALA A 11 -0.16 10.75 -5.81
C ALA A 11 -1.30 9.78 -5.47
N LEU A 12 -2.19 9.64 -6.44
CA LEU A 12 -3.33 8.74 -6.26
C LEU A 12 -2.86 7.29 -6.39
N LEU A 13 -1.75 7.12 -7.09
CA LEU A 13 -1.19 5.80 -7.29
C LEU A 13 -0.51 5.33 -6.00
N LYS A 14 -0.12 6.31 -5.20
CA LYS A 14 0.53 6.02 -3.93
C LYS A 14 -0.50 5.52 -2.93
N ALA A 15 -1.74 5.90 -3.17
CA ALA A 15 -2.83 5.50 -2.29
C ALA A 15 -3.17 4.03 -2.55
N LEU A 16 -2.84 3.58 -3.75
CA LEU A 16 -3.10 2.20 -4.13
C LEU A 16 -2.09 1.28 -3.44
N TYR A 17 -0.94 1.86 -3.13
CA TYR A 17 0.11 1.11 -2.47
C TYR A 17 -0.21 0.87 -1.00
N GLY A 18 -1.09 1.73 -0.48
CA GLY A 18 -1.50 1.62 0.92
C GLY A 18 -2.21 0.30 1.19
N HIS A 19 -2.64 -0.33 0.11
CA HIS A 19 -3.33 -1.60 0.21
C HIS A 19 -2.34 -2.70 0.62
N GLY A 20 -1.06 -2.40 0.43
CA GLY A 20 0.00 -3.34 0.77
C GLY A 20 0.20 -3.40 2.28
N GLN A 21 -0.32 -2.39 2.97
CA GLN A 21 -0.20 -2.33 4.41
C GLN A 21 -1.04 -3.43 5.06
N ILE A 22 -2.03 -3.89 4.31
CA ILE A 22 -2.92 -4.93 4.81
C ILE A 22 -2.15 -6.25 4.87
N SER A 23 -1.09 -6.33 4.07
CA SER A 23 -0.26 -7.52 4.02
C SER A 23 0.72 -7.52 5.19
N HIS A 24 0.97 -6.33 5.71
CA HIS A 24 1.89 -6.18 6.82
C HIS A 24 1.15 -6.42 8.14
N LYS A 25 -0.17 -6.43 8.04
CA LYS A 25 -1.01 -6.65 9.20
C LYS A 25 -0.78 -8.07 9.74
N ARG A 26 -0.23 -8.90 8.87
CA ARG A 26 0.05 -10.28 9.24
C ARG A 26 1.35 -10.37 10.04
N HIS A 27 2.15 -9.31 9.93
CA HIS A 27 3.42 -9.26 10.64
C HIS A 27 3.16 -9.01 12.13
N LYS A 28 1.99 -8.45 12.41
CA LYS A 28 1.61 -8.15 13.78
C LYS A 28 1.26 -9.46 14.50
N THR A 29 0.86 -10.44 13.71
CA THR A 29 0.49 -11.74 14.26
C THR A 29 1.75 -12.52 14.67
N ASP A 30 2.85 -12.18 14.03
CA ASP A 30 4.13 -12.84 14.31
C ASP A 30 4.67 -12.31 15.64
N SER A 31 4.19 -11.14 16.02
CA SER A 31 4.63 -10.52 17.26
C SER A 31 3.98 -11.23 18.46
N PHE A 32 2.87 -11.89 18.17
CA PHE A 32 2.15 -12.63 19.22
C PHE A 32 2.88 -13.92 19.57
N VAL A 33 3.79 -14.31 18.69
CA VAL A 33 4.55 -15.53 18.91
C VAL A 33 5.49 -15.33 20.10
N GLY A 34 5.74 -14.07 20.41
CA GLY A 34 6.62 -13.73 21.53
C GLY A 34 5.95 -14.06 22.86
N LEU A 35 4.64 -14.23 22.80
CA LEU A 35 3.87 -14.54 24.00
C LEU A 35 4.18 -15.97 24.44
N MET A 36 4.68 -16.76 23.49
CA MET A 36 5.03 -18.14 23.77
C MET A 36 6.28 -18.23 24.65
N ASP A 1 5.76 24.32 -17.00
CA ASP A 1 5.57 23.03 -16.35
C ASP A 1 4.24 23.05 -15.59
N ALA A 2 3.33 23.90 -16.06
CA ALA A 2 2.02 24.02 -15.45
C ALA A 2 1.28 22.68 -15.58
N ASP A 3 1.74 21.87 -16.52
CA ASP A 3 1.13 20.57 -16.74
C ASP A 3 1.54 19.61 -15.63
N SER A 4 2.57 20.01 -14.91
CA SER A 4 3.07 19.20 -13.81
C SER A 4 1.95 18.93 -12.80
N SER A 5 0.94 19.78 -12.85
CA SER A 5 -0.20 19.65 -11.96
C SER A 5 -0.95 18.35 -12.26
N ILE A 6 -0.71 17.83 -13.44
CA ILE A 6 -1.36 16.60 -13.87
C ILE A 6 -0.74 15.42 -13.12
N GLU A 7 0.48 15.63 -12.66
CA GLU A 7 1.19 14.60 -11.93
C GLU A 7 0.52 14.33 -10.58
N LYS A 8 -0.42 15.21 -10.24
CA LYS A 8 -1.14 15.08 -8.99
C LYS A 8 -1.82 13.71 -8.94
N GLN A 9 -2.00 13.12 -10.12
CA GLN A 9 -2.62 11.82 -10.23
C GLN A 9 -1.66 10.72 -9.77
N VAL A 10 -0.38 11.05 -9.83
CA VAL A 10 0.65 10.11 -9.43
C VAL A 10 0.56 9.87 -7.93
N ALA A 11 0.00 10.84 -7.24
CA ALA A 11 -0.16 10.76 -5.80
C ALA A 11 -1.29 9.79 -5.47
N LEU A 12 -2.19 9.64 -6.43
CA LEU A 12 -3.33 8.75 -6.26
C LEU A 12 -2.86 7.30 -6.38
N LEU A 13 -1.75 7.12 -7.09
CA LEU A 13 -1.19 5.80 -7.29
C LEU A 13 -0.51 5.33 -6.00
N LYS A 14 -0.12 6.31 -5.20
CA LYS A 14 0.53 6.02 -3.92
C LYS A 14 -0.50 5.51 -2.93
N ALA A 15 -1.74 5.90 -3.17
CA ALA A 15 -2.83 5.50 -2.29
C ALA A 15 -3.18 4.03 -2.55
N LEU A 16 -2.85 3.59 -3.75
CA LEU A 16 -3.11 2.21 -4.13
C LEU A 16 -2.09 1.28 -3.44
N TYR A 17 -0.95 1.85 -3.13
CA TYR A 17 0.11 1.11 -2.47
C TYR A 17 -0.23 0.87 -0.99
N GLY A 18 -1.09 1.73 -0.48
CA GLY A 18 -1.50 1.62 0.92
C GLY A 18 -2.18 0.28 1.19
N HIS A 19 -2.60 -0.37 0.11
CA HIS A 19 -3.27 -1.65 0.22
C HIS A 19 -2.24 -2.73 0.59
N GLY A 20 -0.98 -2.41 0.37
CA GLY A 20 0.10 -3.33 0.67
C GLY A 20 0.51 -3.23 2.14
N GLN A 21 -0.03 -2.22 2.81
CA GLN A 21 0.27 -2.00 4.21
C GLN A 21 -0.47 -3.02 5.08
N ILE A 22 -1.47 -3.65 4.47
CA ILE A 22 -2.26 -4.64 5.17
C ILE A 22 -1.48 -5.95 5.25
N SER A 23 -0.47 -6.05 4.39
CA SER A 23 0.37 -7.24 4.37
C SER A 23 1.43 -7.16 5.47
N HIS A 24 1.65 -5.95 5.95
CA HIS A 24 2.63 -5.74 6.99
C HIS A 24 1.99 -6.02 8.36
N LYS A 25 0.68 -6.05 8.36
CA LYS A 25 -0.07 -6.31 9.59
C LYS A 25 0.13 -7.77 10.00
N ARG A 26 0.55 -8.57 9.04
CA ARG A 26 0.79 -9.99 9.29
C ARG A 26 1.97 -10.17 10.24
N HIS A 27 2.77 -9.12 10.36
CA HIS A 27 3.92 -9.15 11.24
C HIS A 27 3.46 -9.09 12.69
N LYS A 28 2.21 -8.69 12.87
CA LYS A 28 1.65 -8.59 14.21
C LYS A 28 1.43 -10.00 14.76
N THR A 29 1.30 -10.94 13.85
CA THR A 29 1.08 -12.33 14.23
C THR A 29 2.37 -12.95 14.77
N ASP A 30 3.48 -12.41 14.29
CA ASP A 30 4.79 -12.90 14.71
C ASP A 30 5.08 -12.40 16.12
N SER A 31 4.37 -11.35 16.52
CA SER A 31 4.55 -10.78 17.83
C SER A 31 4.18 -11.81 18.91
N PHE A 32 3.40 -12.79 18.49
CA PHE A 32 2.98 -13.84 19.40
C PHE A 32 4.13 -14.80 19.71
N VAL A 33 5.25 -14.56 19.05
CA VAL A 33 6.43 -15.39 19.24
C VAL A 33 6.83 -15.35 20.73
N GLY A 34 6.33 -14.34 21.42
CA GLY A 34 6.63 -14.18 22.83
C GLY A 34 5.68 -15.02 23.69
N LEU A 35 4.62 -15.49 23.05
CA LEU A 35 3.64 -16.31 23.74
C LEU A 35 4.03 -17.79 23.64
N MET A 36 5.29 -18.00 23.28
CA MET A 36 5.81 -19.35 23.15
C MET A 36 6.06 -19.98 24.51
N ASP A 1 3.07 21.71 -21.77
CA ASP A 1 3.74 21.07 -20.67
C ASP A 1 2.97 21.33 -19.37
N ALA A 2 2.11 22.33 -19.43
CA ALA A 2 1.30 22.70 -18.28
C ALA A 2 0.23 21.62 -18.04
N ASP A 3 -0.05 20.89 -19.11
CA ASP A 3 -1.06 19.83 -19.04
C ASP A 3 -0.49 18.65 -18.25
N SER A 4 0.83 18.64 -18.13
CA SER A 4 1.50 17.58 -17.39
C SER A 4 1.04 17.56 -15.94
N SER A 5 0.40 18.65 -15.55
CA SER A 5 -0.11 18.78 -14.19
C SER A 5 -1.03 17.60 -13.87
N ILE A 6 -1.57 17.00 -14.92
CA ILE A 6 -2.47 15.87 -14.76
C ILE A 6 -1.72 14.72 -14.10
N GLU A 7 -0.40 14.80 -14.14
CA GLU A 7 0.44 13.78 -13.55
C GLU A 7 0.29 13.78 -12.03
N LYS A 8 -0.35 14.83 -11.53
CA LYS A 8 -0.57 14.96 -10.10
C LYS A 8 -1.28 13.71 -9.57
N GLN A 9 -1.92 13.00 -10.49
CA GLN A 9 -2.63 11.78 -10.13
C GLN A 9 -1.65 10.72 -9.64
N VAL A 10 -0.37 11.00 -9.84
CA VAL A 10 0.67 10.08 -9.42
C VAL A 10 0.57 9.86 -7.90
N ALA A 11 0.00 10.84 -7.24
CA ALA A 11 -0.17 10.77 -5.79
C ALA A 11 -1.31 9.80 -5.47
N LEU A 12 -2.22 9.64 -6.43
CA LEU A 12 -3.35 8.75 -6.26
C LEU A 12 -2.87 7.30 -6.39
N LEU A 13 -1.77 7.14 -7.08
CA LEU A 13 -1.20 5.81 -7.29
C LEU A 13 -0.52 5.35 -6.01
N LYS A 14 -0.13 6.32 -5.20
CA LYS A 14 0.53 6.02 -3.94
C LYS A 14 -0.52 5.52 -2.93
N ALA A 15 -1.75 5.91 -3.17
CA ALA A 15 -2.84 5.50 -2.29
C ALA A 15 -3.18 4.03 -2.55
N LEU A 16 -2.86 3.59 -3.76
CA LEU A 16 -3.12 2.21 -4.14
C LEU A 16 -2.10 1.29 -3.46
N TYR A 17 -0.95 1.86 -3.14
CA TYR A 17 0.11 1.11 -2.49
C TYR A 17 -0.22 0.88 -1.01
N GLY A 18 -1.10 1.73 -0.49
CA GLY A 18 -1.50 1.62 0.91
C GLY A 18 -2.14 0.25 1.19
N HIS A 19 -2.54 -0.40 0.11
CA HIS A 19 -3.16 -1.71 0.23
C HIS A 19 -2.11 -2.75 0.62
N GLY A 20 -0.85 -2.37 0.44
CA GLY A 20 0.25 -3.25 0.77
C GLY A 20 0.45 -3.37 2.27
N GLN A 21 -0.13 -2.41 2.98
CA GLN A 21 -0.04 -2.39 4.44
C GLN A 21 -0.76 -3.59 5.03
N ILE A 22 -1.60 -4.21 4.21
CA ILE A 22 -2.36 -5.37 4.64
C ILE A 22 -1.51 -6.62 4.48
N SER A 23 -0.25 -6.40 4.15
CA SER A 23 0.68 -7.51 3.96
C SER A 23 1.27 -7.93 5.30
N HIS A 24 1.23 -7.00 6.25
CA HIS A 24 1.77 -7.26 7.57
C HIS A 24 0.93 -8.35 8.26
N LYS A 25 -0.30 -8.49 7.78
CA LYS A 25 -1.21 -9.49 8.32
C LYS A 25 -0.72 -10.89 7.94
N ARG A 26 0.07 -10.93 6.88
CA ARG A 26 0.62 -12.19 6.41
C ARG A 26 1.87 -12.56 7.19
N HIS A 27 2.47 -11.56 7.79
CA HIS A 27 3.68 -11.76 8.58
C HIS A 27 3.35 -12.61 9.82
N LYS A 28 2.06 -12.71 10.09
CA LYS A 28 1.60 -13.48 11.23
C LYS A 28 1.59 -14.97 10.87
N THR A 29 1.47 -15.23 9.57
CA THR A 29 1.44 -16.59 9.08
C THR A 29 2.85 -17.20 9.12
N ASP A 30 3.84 -16.32 9.07
CA ASP A 30 5.23 -16.76 9.09
C ASP A 30 5.60 -17.18 10.52
N SER A 31 4.84 -16.65 11.47
CA SER A 31 5.08 -16.95 12.88
C SER A 31 4.86 -18.44 13.13
N PHE A 32 4.26 -19.10 12.15
CA PHE A 32 4.00 -20.52 12.25
C PHE A 32 5.29 -21.30 12.55
N VAL A 33 6.41 -20.66 12.25
CA VAL A 33 7.70 -21.28 12.48
C VAL A 33 7.83 -21.64 13.96
N GLY A 34 7.05 -20.95 14.78
CA GLY A 34 7.07 -21.18 16.22
C GLY A 34 6.15 -22.35 16.59
N LEU A 35 5.26 -22.68 15.67
CA LEU A 35 4.32 -23.77 15.90
C LEU A 35 5.06 -25.10 15.75
N MET A 36 6.17 -25.06 15.04
CA MET A 36 6.97 -26.26 14.84
C MET A 36 8.01 -26.42 15.94
N ASP A 1 3.47 23.82 -18.63
CA ASP A 1 2.11 24.33 -18.55
C ASP A 1 1.54 24.03 -17.17
N ALA A 2 0.42 24.67 -16.87
CA ALA A 2 -0.24 24.48 -15.59
C ALA A 2 -0.88 23.10 -15.55
N ASP A 3 -1.02 22.51 -16.74
CA ASP A 3 -1.61 21.19 -16.86
C ASP A 3 -0.74 20.18 -16.11
N SER A 4 0.49 20.59 -15.82
CA SER A 4 1.42 19.73 -15.11
C SER A 4 0.80 19.26 -13.80
N SER A 5 -0.18 20.01 -13.33
CA SER A 5 -0.86 19.69 -12.10
C SER A 5 -1.48 18.30 -12.19
N ILE A 6 -1.71 17.86 -13.43
CA ILE A 6 -2.29 16.56 -13.67
C ILE A 6 -1.36 15.48 -13.10
N GLU A 7 -0.11 15.85 -12.90
CA GLU A 7 0.87 14.93 -12.36
C GLU A 7 0.49 14.52 -10.94
N LYS A 8 -0.47 15.24 -10.39
CA LYS A 8 -0.94 14.95 -9.04
C LYS A 8 -1.59 13.57 -9.01
N GLN A 9 -1.99 13.11 -10.19
CA GLN A 9 -2.63 11.81 -10.30
C GLN A 9 -1.65 10.70 -9.87
N VAL A 10 -0.38 11.07 -9.80
CA VAL A 10 0.65 10.13 -9.41
C VAL A 10 0.57 9.88 -7.89
N ALA A 11 0.00 10.86 -7.20
CA ALA A 11 -0.15 10.77 -5.76
C ALA A 11 -1.29 9.80 -5.43
N LEU A 12 -2.19 9.65 -6.40
CA LEU A 12 -3.33 8.77 -6.22
C LEU A 12 -2.87 7.31 -6.36
N LEU A 13 -1.77 7.14 -7.07
CA LEU A 13 -1.20 5.82 -7.28
C LEU A 13 -0.52 5.34 -5.99
N LYS A 14 -0.12 6.32 -5.18
CA LYS A 14 0.54 6.01 -3.92
C LYS A 14 -0.50 5.51 -2.92
N ALA A 15 -1.75 5.90 -3.15
CA ALA A 15 -2.83 5.50 -2.27
C ALA A 15 -3.17 4.03 -2.53
N LEU A 16 -2.85 3.58 -3.74
CA LEU A 16 -3.13 2.21 -4.12
C LEU A 16 -2.10 1.29 -3.45
N TYR A 17 -0.95 1.86 -3.13
CA TYR A 17 0.09 1.10 -2.48
C TYR A 17 -0.22 0.86 -1.00
N GLY A 18 -1.09 1.71 -0.48
CA GLY A 18 -1.49 1.60 0.91
C GLY A 18 -2.15 0.25 1.19
N HIS A 19 -2.50 -0.43 0.12
CA HIS A 19 -3.13 -1.74 0.23
C HIS A 19 -2.06 -2.82 0.39
N GLY A 20 -0.84 -2.46 -0.01
CA GLY A 20 0.27 -3.39 0.08
C GLY A 20 0.83 -3.43 1.50
N GLN A 21 0.46 -2.43 2.28
CA GLN A 21 0.91 -2.34 3.65
C GLN A 21 0.24 -3.43 4.51
N ILE A 22 -0.76 -4.06 3.92
CA ILE A 22 -1.48 -5.11 4.60
C ILE A 22 -0.70 -6.42 4.48
N SER A 23 0.23 -6.43 3.53
CA SER A 23 1.04 -7.61 3.30
C SER A 23 2.11 -7.74 4.39
N HIS A 24 2.28 -6.65 5.13
CA HIS A 24 3.26 -6.63 6.20
C HIS A 24 2.85 -7.61 7.29
N LYS A 25 1.59 -8.00 7.25
CA LYS A 25 1.06 -8.94 8.23
C LYS A 25 1.56 -10.35 7.90
N ARG A 26 1.93 -10.53 6.63
CA ARG A 26 2.42 -11.81 6.17
C ARG A 26 3.91 -11.97 6.52
N HIS A 27 4.54 -10.85 6.81
CA HIS A 27 5.94 -10.83 7.16
C HIS A 27 6.16 -11.66 8.42
N LYS A 28 5.10 -11.79 9.20
CA LYS A 28 5.15 -12.53 10.44
C LYS A 28 5.37 -14.02 10.13
N THR A 29 4.94 -14.40 8.93
CA THR A 29 5.07 -15.78 8.49
C THR A 29 6.52 -16.08 8.13
N ASP A 30 7.24 -15.04 7.75
CA ASP A 30 8.64 -15.18 7.39
C ASP A 30 9.48 -15.39 8.65
N SER A 31 8.92 -14.97 9.77
CA SER A 31 9.61 -15.11 11.05
C SER A 31 9.93 -16.58 11.31
N PHE A 32 9.22 -17.44 10.62
CA PHE A 32 9.41 -18.88 10.77
C PHE A 32 10.87 -19.26 10.53
N VAL A 33 11.58 -18.35 9.87
CA VAL A 33 12.98 -18.58 9.57
C VAL A 33 13.78 -18.68 10.88
N GLY A 34 13.15 -18.20 11.95
CA GLY A 34 13.79 -18.23 13.25
C GLY A 34 13.72 -19.64 13.86
N LEU A 35 12.83 -20.45 13.30
CA LEU A 35 12.65 -21.81 13.77
C LEU A 35 13.70 -22.71 13.10
N MET A 36 14.21 -22.24 11.98
CA MET A 36 15.21 -23.00 11.24
C MET A 36 16.54 -23.02 11.99
N ASP A 1 -0.46 24.46 -19.83
CA ASP A 1 0.45 23.95 -18.83
C ASP A 1 -0.35 23.45 -17.62
N ALA A 2 -1.60 23.89 -17.56
CA ALA A 2 -2.48 23.50 -16.47
C ALA A 2 -2.86 22.03 -16.64
N ASP A 3 -2.69 21.54 -17.85
CA ASP A 3 -3.01 20.15 -18.15
C ASP A 3 -1.97 19.24 -17.50
N SER A 4 -0.85 19.84 -17.13
CA SER A 4 0.22 19.10 -16.49
C SER A 4 -0.16 18.75 -15.05
N SER A 5 -1.16 19.46 -14.55
CA SER A 5 -1.62 19.24 -13.20
C SER A 5 -2.21 17.84 -13.06
N ILE A 6 -2.46 17.23 -14.21
CA ILE A 6 -3.02 15.89 -14.24
C ILE A 6 -1.96 14.89 -13.78
N GLU A 7 -0.71 15.34 -13.80
CA GLU A 7 0.40 14.50 -13.40
C GLU A 7 0.41 14.32 -11.88
N LYS A 8 -0.49 15.04 -11.23
CA LYS A 8 -0.60 14.97 -9.78
C LYS A 8 -1.28 13.65 -9.39
N GLN A 9 -1.95 13.06 -10.36
CA GLN A 9 -2.64 11.80 -10.14
C GLN A 9 -1.66 10.73 -9.64
N VAL A 10 -0.38 11.00 -9.85
CA VAL A 10 0.66 10.08 -9.43
C VAL A 10 0.57 9.86 -7.92
N ALA A 11 0.00 10.84 -7.25
CA ALA A 11 -0.17 10.76 -5.81
C ALA A 11 -1.31 9.79 -5.48
N LEU A 12 -2.21 9.64 -6.43
CA LEU A 12 -3.34 8.75 -6.26
C LEU A 12 -2.86 7.30 -6.38
N LEU A 13 -1.76 7.13 -7.09
CA LEU A 13 -1.20 5.80 -7.30
C LEU A 13 -0.52 5.34 -6.01
N LYS A 14 -0.12 6.31 -5.20
CA LYS A 14 0.54 6.02 -3.94
C LYS A 14 -0.50 5.52 -2.93
N ALA A 15 -1.74 5.90 -3.17
CA ALA A 15 -2.83 5.50 -2.29
C ALA A 15 -3.17 4.03 -2.55
N LEU A 16 -2.85 3.58 -3.76
CA LEU A 16 -3.10 2.20 -4.14
C LEU A 16 -2.09 1.29 -3.45
N TYR A 17 -0.94 1.86 -3.13
CA TYR A 17 0.11 1.11 -2.48
C TYR A 17 -0.21 0.88 -1.01
N GLY A 18 -1.08 1.73 -0.48
CA GLY A 18 -1.49 1.62 0.92
C GLY A 18 -2.20 0.30 1.18
N HIS A 19 -2.62 -0.35 0.09
CA HIS A 19 -3.32 -1.61 0.19
C HIS A 19 -2.30 -2.75 0.29
N GLY A 20 -1.05 -2.42 0.00
CA GLY A 20 0.01 -3.40 0.05
C GLY A 20 0.44 -3.67 1.50
N GLN A 21 0.00 -2.79 2.39
CA GLN A 21 0.32 -2.92 3.80
C GLN A 21 -0.44 -4.10 4.41
N ILE A 22 -1.38 -4.63 3.63
CA ILE A 22 -2.17 -5.75 4.07
C ILE A 22 -1.35 -7.04 3.96
N SER A 23 -0.28 -6.94 3.19
CA SER A 23 0.59 -8.10 3.00
C SER A 23 1.32 -8.43 4.30
N HIS A 24 1.21 -7.52 5.26
CA HIS A 24 1.84 -7.71 6.56
C HIS A 24 1.02 -8.71 7.38
N LYS A 25 -0.19 -8.97 6.91
CA LYS A 25 -1.07 -9.90 7.58
C LYS A 25 -0.54 -11.33 7.41
N ARG A 26 0.36 -11.47 6.45
CA ARG A 26 0.95 -12.77 6.16
C ARG A 26 1.89 -13.18 7.30
N HIS A 27 2.30 -12.19 8.07
CA HIS A 27 3.20 -12.44 9.20
C HIS A 27 2.52 -13.36 10.20
N LYS A 28 1.20 -13.43 10.09
CA LYS A 28 0.43 -14.27 11.00
C LYS A 28 0.67 -15.74 10.65
N THR A 29 1.05 -15.97 9.40
CA THR A 29 1.32 -17.31 8.93
C THR A 29 2.66 -17.82 9.48
N ASP A 30 3.53 -16.86 9.78
CA ASP A 30 4.84 -17.19 10.31
C ASP A 30 4.70 -17.61 11.78
N SER A 31 3.60 -17.19 12.38
CA SER A 31 3.34 -17.51 13.77
C SER A 31 3.15 -19.03 13.93
N PHE A 32 2.86 -19.68 12.81
CA PHE A 32 2.65 -21.11 12.81
C PHE A 32 3.92 -21.86 13.24
N VAL A 33 5.02 -21.11 13.28
CA VAL A 33 6.30 -21.68 13.67
C VAL A 33 6.16 -22.31 15.07
N GLY A 34 5.13 -21.87 15.78
CA GLY A 34 4.89 -22.38 17.12
C GLY A 34 4.07 -23.68 17.07
N LEU A 35 3.52 -23.94 15.89
CA LEU A 35 2.72 -25.14 15.69
C LEU A 35 3.64 -26.32 15.39
N MET A 36 4.83 -25.99 14.90
CA MET A 36 5.81 -27.01 14.56
C MET A 36 6.72 -27.32 15.77
N ASP A 1 1.80 23.77 -20.40
CA ASP A 1 2.65 23.21 -19.36
C ASP A 1 1.80 22.90 -18.13
N ALA A 2 0.63 23.51 -18.09
CA ALA A 2 -0.29 23.31 -16.98
C ALA A 2 -0.93 21.92 -17.11
N ASP A 3 -0.84 21.37 -18.31
CA ASP A 3 -1.40 20.06 -18.57
C ASP A 3 -0.65 19.01 -17.75
N SER A 4 0.53 19.40 -17.29
CA SER A 4 1.36 18.51 -16.50
C SER A 4 0.75 18.33 -15.10
N SER A 5 -0.27 19.14 -14.83
CA SER A 5 -0.93 19.08 -13.55
C SER A 5 -1.73 17.77 -13.43
N ILE A 6 -1.89 17.12 -14.57
CA ILE A 6 -2.63 15.86 -14.60
C ILE A 6 -1.76 14.75 -14.00
N GLU A 7 -0.46 14.99 -14.01
CA GLU A 7 0.48 14.03 -13.47
C GLU A 7 0.36 13.97 -11.94
N LYS A 8 -0.39 14.90 -11.40
CA LYS A 8 -0.60 14.97 -9.96
C LYS A 8 -1.29 13.69 -9.50
N GLN A 9 -1.94 13.03 -10.44
CA GLN A 9 -2.64 11.79 -10.13
C GLN A 9 -1.66 10.72 -9.64
N VAL A 10 -0.38 11.01 -9.84
CA VAL A 10 0.66 10.09 -9.42
C VAL A 10 0.57 9.86 -7.91
N ALA A 11 -0.01 10.85 -7.24
CA ALA A 11 -0.17 10.76 -5.80
C ALA A 11 -1.31 9.79 -5.47
N LEU A 12 -2.21 9.64 -6.42
CA LEU A 12 -3.34 8.75 -6.25
C LEU A 12 -2.87 7.31 -6.38
N LEU A 13 -1.77 7.14 -7.08
CA LEU A 13 -1.20 5.81 -7.29
C LEU A 13 -0.51 5.35 -6.00
N LYS A 14 -0.12 6.31 -5.20
CA LYS A 14 0.54 6.02 -3.94
C LYS A 14 -0.49 5.52 -2.93
N ALA A 15 -1.74 5.90 -3.17
CA ALA A 15 -2.83 5.50 -2.29
C ALA A 15 -3.17 4.03 -2.55
N LEU A 16 -2.84 3.58 -3.75
CA LEU A 16 -3.10 2.20 -4.14
C LEU A 16 -2.09 1.29 -3.46
N TYR A 17 -0.94 1.86 -3.14
CA TYR A 17 0.11 1.11 -2.49
C TYR A 17 -0.20 0.87 -1.01
N GLY A 18 -1.08 1.72 -0.49
CA GLY A 18 -1.48 1.61 0.91
C GLY A 18 -2.22 0.31 1.17
N HIS A 19 -2.67 -0.31 0.08
CA HIS A 19 -3.39 -1.57 0.18
C HIS A 19 -2.40 -2.72 0.29
N GLY A 20 -1.14 -2.41 0.00
CA GLY A 20 -0.09 -3.41 0.07
C GLY A 20 0.44 -3.56 1.49
N GLN A 21 -0.01 -2.66 2.36
CA GLN A 21 0.41 -2.69 3.74
C GLN A 21 -0.30 -3.81 4.50
N ILE A 22 -1.27 -4.41 3.82
CA ILE A 22 -2.03 -5.50 4.41
C ILE A 22 -1.29 -6.82 4.19
N SER A 23 -0.43 -6.81 3.17
CA SER A 23 0.35 -7.99 2.84
C SER A 23 1.62 -8.03 3.70
N HIS A 24 1.85 -6.93 4.40
CA HIS A 24 3.03 -6.83 5.26
C HIS A 24 2.92 -7.85 6.40
N LYS A 25 1.72 -8.37 6.57
CA LYS A 25 1.46 -9.36 7.62
C LYS A 25 2.26 -10.63 7.30
N ARG A 26 2.72 -10.71 6.06
CA ARG A 26 3.49 -11.86 5.62
C ARG A 26 4.87 -11.86 6.28
N HIS A 27 5.21 -10.73 6.88
CA HIS A 27 6.49 -10.57 7.53
C HIS A 27 6.48 -11.34 8.85
N LYS A 28 5.29 -11.61 9.34
CA LYS A 28 5.13 -12.33 10.58
C LYS A 28 5.61 -13.78 10.40
N THR A 29 5.57 -14.22 9.16
CA THR A 29 5.99 -15.58 8.83
C THR A 29 7.52 -15.67 8.86
N ASP A 30 8.16 -14.53 8.63
CA ASP A 30 9.62 -14.48 8.63
C ASP A 30 10.13 -14.55 10.07
N SER A 31 9.24 -14.21 11.00
CA SER A 31 9.59 -14.23 12.41
C SER A 31 10.11 -15.62 12.80
N PHE A 32 9.73 -16.59 12.00
CA PHE A 32 10.15 -17.96 12.25
C PHE A 32 11.68 -18.06 12.35
N VAL A 33 12.33 -17.06 11.80
CA VAL A 33 13.78 -17.02 11.82
C VAL A 33 14.28 -17.05 13.27
N GLY A 34 13.36 -16.73 14.17
CA GLY A 34 13.69 -16.72 15.59
C GLY A 34 13.55 -18.13 16.19
N LEU A 35 12.94 -19.01 15.42
CA LEU A 35 12.74 -20.37 15.86
C LEU A 35 13.94 -21.22 15.44
N MET A 36 15.01 -20.53 15.09
CA MET A 36 16.24 -21.21 14.67
C MET A 36 16.97 -21.81 15.87
N ASP A 1 6.79 23.86 -13.35
CA ASP A 1 5.73 24.85 -13.33
C ASP A 1 4.50 24.26 -12.62
N ALA A 2 3.51 25.12 -12.43
CA ALA A 2 2.28 24.71 -11.77
C ALA A 2 1.60 23.62 -12.60
N ASP A 3 2.04 23.51 -13.84
CA ASP A 3 1.49 22.51 -14.75
C ASP A 3 1.73 21.11 -14.18
N SER A 4 2.63 21.05 -13.22
CA SER A 4 2.95 19.78 -12.58
C SER A 4 1.77 19.29 -11.74
N SER A 5 0.78 20.17 -11.61
CA SER A 5 -0.40 19.85 -10.84
C SER A 5 -1.10 18.61 -11.43
N ILE A 6 -0.78 18.35 -12.68
CA ILE A 6 -1.35 17.21 -13.38
C ILE A 6 -0.70 15.92 -12.86
N GLU A 7 0.49 16.08 -12.33
CA GLU A 7 1.23 14.94 -11.80
C GLU A 7 0.64 14.50 -10.46
N LYS A 8 -0.36 15.24 -10.02
CA LYS A 8 -1.03 14.93 -8.77
C LYS A 8 -1.67 13.54 -8.86
N GLN A 9 -1.91 13.11 -10.08
CA GLN A 9 -2.52 11.81 -10.32
C GLN A 9 -1.56 10.70 -9.86
N VAL A 10 -0.29 11.05 -9.79
CA VAL A 10 0.73 10.09 -9.36
C VAL A 10 0.59 9.85 -7.86
N ALA A 11 0.02 10.83 -7.18
CA ALA A 11 -0.16 10.73 -5.74
C ALA A 11 -1.32 9.78 -5.44
N LEU A 12 -2.19 9.64 -6.42
CA LEU A 12 -3.35 8.77 -6.29
C LEU A 12 -2.89 7.31 -6.40
N LEU A 13 -1.78 7.13 -7.09
CA LEU A 13 -1.22 5.80 -7.29
C LEU A 13 -0.57 5.33 -5.98
N LYS A 14 -0.16 6.29 -5.19
CA LYS A 14 0.48 5.99 -3.91
C LYS A 14 -0.58 5.53 -2.91
N ALA A 15 -1.82 5.89 -3.21
CA ALA A 15 -2.93 5.53 -2.35
C ALA A 15 -3.25 4.05 -2.53
N LEU A 16 -3.01 3.56 -3.74
CA LEU A 16 -3.26 2.16 -4.05
C LEU A 16 -2.17 1.30 -3.42
N TYR A 17 -1.04 1.93 -3.14
CA TYR A 17 0.08 1.24 -2.54
C TYR A 17 -0.17 0.96 -1.06
N GLY A 18 -1.08 1.73 -0.49
CA GLY A 18 -1.43 1.58 0.91
C GLY A 18 -1.99 0.18 1.20
N HIS A 19 -2.39 -0.49 0.12
CA HIS A 19 -2.94 -1.82 0.24
C HIS A 19 -1.82 -2.82 0.56
N GLY A 20 -0.60 -2.39 0.27
CA GLY A 20 0.56 -3.22 0.52
C GLY A 20 1.05 -3.07 1.95
N GLN A 21 0.59 -2.01 2.60
CA GLN A 21 0.97 -1.73 3.97
C GLN A 21 0.10 -2.55 4.93
N ILE A 22 -1.06 -2.94 4.42
CA ILE A 22 -2.00 -3.72 5.22
C ILE A 22 -1.63 -5.21 5.13
N SER A 23 -0.48 -5.46 4.52
CA SER A 23 0.00 -6.83 4.37
C SER A 23 0.73 -7.27 5.64
N HIS A 24 1.17 -6.28 6.40
CA HIS A 24 1.88 -6.56 7.65
C HIS A 24 0.87 -6.84 8.76
N LYS A 25 -0.36 -6.44 8.52
CA LYS A 25 -1.42 -6.65 9.48
C LYS A 25 -1.68 -8.16 9.65
N ARG A 26 -1.26 -8.90 8.63
CA ARG A 26 -1.44 -10.34 8.65
C ARG A 26 -0.52 -10.98 9.70
N HIS A 27 0.53 -10.24 10.04
CA HIS A 27 1.48 -10.72 11.03
C HIS A 27 0.85 -10.68 12.42
N LYS A 28 -0.18 -9.85 12.54
CA LYS A 28 -0.87 -9.71 13.80
C LYS A 28 -1.60 -11.00 14.14
N THR A 29 -1.91 -11.77 13.09
CA THR A 29 -2.59 -13.03 13.25
C THR A 29 -1.64 -14.09 13.80
N ASP A 30 -0.36 -13.89 13.53
CA ASP A 30 0.66 -14.81 13.99
C ASP A 30 0.89 -14.62 15.49
N SER A 31 0.50 -13.45 15.96
CA SER A 31 0.66 -13.12 17.37
C SER A 31 -0.39 -13.87 18.21
N PHE A 32 -1.47 -14.25 17.53
CA PHE A 32 -2.55 -14.96 18.18
C PHE A 32 -2.16 -16.42 18.45
N VAL A 33 -1.04 -16.82 17.86
CA VAL A 33 -0.54 -18.17 18.02
C VAL A 33 0.05 -18.33 19.43
N GLY A 34 0.34 -17.19 20.05
CA GLY A 34 0.89 -17.19 21.39
C GLY A 34 -0.20 -17.35 22.45
N LEU A 35 -1.43 -17.17 22.00
CA LEU A 35 -2.57 -17.29 22.90
C LEU A 35 -2.78 -18.77 23.24
N MET A 36 -2.24 -19.62 22.39
CA MET A 36 -2.35 -21.06 22.60
C MET A 36 -1.23 -21.58 23.49
N ASP A 1 -1.76 22.18 -22.84
CA ASP A 1 -0.89 21.38 -22.01
C ASP A 1 -1.36 21.44 -20.56
N ALA A 2 -2.60 21.90 -20.39
CA ALA A 2 -3.19 22.03 -19.07
C ALA A 2 -3.57 20.64 -18.56
N ASP A 3 -3.62 19.69 -19.49
CA ASP A 3 -3.98 18.32 -19.15
C ASP A 3 -2.85 17.70 -18.33
N SER A 4 -1.69 18.35 -18.37
CA SER A 4 -0.54 17.88 -17.64
C SER A 4 -0.86 17.76 -16.16
N SER A 5 -1.94 18.43 -15.76
CA SER A 5 -2.38 18.40 -14.37
C SER A 5 -2.86 17.00 -14.00
N ILE A 6 -3.04 16.17 -15.02
CA ILE A 6 -3.49 14.81 -14.81
C ILE A 6 -2.34 13.98 -14.24
N GLU A 7 -1.14 14.53 -14.37
CA GLU A 7 0.04 13.84 -13.86
C GLU A 7 0.09 13.91 -12.33
N LYS A 8 -0.76 14.77 -11.78
CA LYS A 8 -0.83 14.93 -10.35
C LYS A 8 -1.48 13.70 -9.72
N GLN A 9 -2.11 12.90 -10.57
CA GLN A 9 -2.78 11.69 -10.12
C GLN A 9 -1.75 10.67 -9.64
N VAL A 10 -0.49 10.99 -9.86
CA VAL A 10 0.59 10.12 -9.45
C VAL A 10 0.54 9.91 -7.94
N ALA A 11 -0.07 10.88 -7.27
CA ALA A 11 -0.19 10.82 -5.82
C ALA A 11 -1.28 9.82 -5.46
N LEU A 12 -2.23 9.64 -6.37
CA LEU A 12 -3.31 8.71 -6.15
C LEU A 12 -2.81 7.28 -6.34
N LEU A 13 -1.67 7.18 -7.02
CA LEU A 13 -1.07 5.88 -7.27
C LEU A 13 -0.42 5.36 -5.99
N LYS A 14 -0.01 6.31 -5.16
CA LYS A 14 0.64 5.97 -3.90
C LYS A 14 -0.41 5.48 -2.91
N ALA A 15 -1.64 5.92 -3.14
CA ALA A 15 -2.75 5.53 -2.26
C ALA A 15 -3.12 4.08 -2.55
N LEU A 16 -2.80 3.63 -3.76
CA LEU A 16 -3.08 2.27 -4.15
C LEU A 16 -2.10 1.32 -3.48
N TYR A 17 -0.94 1.86 -3.14
CA TYR A 17 0.09 1.08 -2.48
C TYR A 17 -0.25 0.83 -1.01
N GLY A 18 -1.11 1.70 -0.49
CA GLY A 18 -1.53 1.60 0.90
C GLY A 18 -2.37 0.34 1.12
N HIS A 19 -2.87 -0.21 0.02
CA HIS A 19 -3.70 -1.40 0.08
C HIS A 19 -2.80 -2.63 0.24
N GLY A 20 -1.53 -2.44 -0.07
CA GLY A 20 -0.56 -3.52 0.03
C GLY A 20 -0.05 -3.66 1.47
N GLN A 21 -0.30 -2.63 2.26
CA GLN A 21 0.12 -2.62 3.65
C GLN A 21 -0.72 -3.58 4.47
N ILE A 22 -1.88 -3.93 3.92
CA ILE A 22 -2.79 -4.84 4.60
C ILE A 22 -2.33 -6.27 4.36
N SER A 23 -1.46 -6.43 3.37
CA SER A 23 -0.94 -7.74 3.03
C SER A 23 0.07 -8.19 4.09
N HIS A 24 0.49 -7.24 4.91
CA HIS A 24 1.44 -7.52 5.96
C HIS A 24 0.80 -8.46 7.00
N LYS A 25 -0.51 -8.59 6.89
CA LYS A 25 -1.24 -9.46 7.80
C LYS A 25 -0.99 -10.92 7.43
N ARG A 26 -0.46 -11.11 6.23
CA ARG A 26 -0.16 -12.44 5.75
C ARG A 26 1.00 -13.05 6.54
N HIS A 27 1.78 -12.16 7.15
CA HIS A 27 2.93 -12.60 7.94
C HIS A 27 2.45 -13.55 9.04
N LYS A 28 1.16 -13.46 9.35
CA LYS A 28 0.58 -14.32 10.37
C LYS A 28 0.55 -15.77 9.87
N THR A 29 0.56 -15.90 8.55
CA THR A 29 0.53 -17.22 7.94
C THR A 29 1.91 -17.88 8.05
N ASP A 30 2.92 -17.04 8.16
CA ASP A 30 4.29 -17.53 8.27
C ASP A 30 4.52 -18.07 9.69
N SER A 31 3.68 -17.61 10.60
CA SER A 31 3.77 -18.04 11.98
C SER A 31 3.63 -19.57 12.08
N PHE A 32 3.00 -20.13 11.04
CA PHE A 32 2.79 -21.57 11.00
C PHE A 32 4.10 -22.31 10.73
N VAL A 33 5.14 -21.53 10.47
CA VAL A 33 6.45 -22.09 10.21
C VAL A 33 7.01 -22.71 11.49
N GLY A 34 6.43 -22.29 12.61
CA GLY A 34 6.86 -22.79 13.91
C GLY A 34 6.53 -24.27 14.06
N LEU A 35 5.67 -24.75 13.17
CA LEU A 35 5.27 -26.15 13.20
C LEU A 35 6.42 -27.01 12.69
N MET A 36 7.32 -26.37 11.96
CA MET A 36 8.48 -27.07 11.41
C MET A 36 9.48 -27.41 12.51
N ASP A 1 1.77 19.34 -22.63
CA ASP A 1 2.53 20.35 -21.92
C ASP A 1 1.86 20.63 -20.57
N ALA A 2 0.92 21.55 -20.60
CA ALA A 2 0.19 21.92 -19.39
C ALA A 2 -0.56 20.71 -18.87
N ASP A 3 -0.68 19.70 -19.73
CA ASP A 3 -1.38 18.48 -19.36
C ASP A 3 -0.56 17.73 -18.31
N SER A 4 0.70 18.12 -18.18
CA SER A 4 1.59 17.49 -17.23
C SER A 4 0.99 17.59 -15.81
N SER A 5 0.06 18.52 -15.67
CA SER A 5 -0.60 18.73 -14.39
C SER A 5 -1.46 17.52 -14.05
N ILE A 6 -1.78 16.74 -15.08
CA ILE A 6 -2.60 15.56 -14.90
C ILE A 6 -1.78 14.48 -14.20
N GLU A 7 -0.47 14.62 -14.28
CA GLU A 7 0.44 13.65 -13.67
C GLU A 7 0.32 13.73 -12.15
N LYS A 8 -0.37 14.76 -11.68
CA LYS A 8 -0.56 14.96 -10.26
C LYS A 8 -1.27 13.74 -9.67
N GLN A 9 -1.90 12.98 -10.55
CA GLN A 9 -2.62 11.78 -10.13
C GLN A 9 -1.64 10.72 -9.64
N VAL A 10 -0.36 11.01 -9.83
CA VAL A 10 0.68 10.08 -9.40
C VAL A 10 0.57 9.86 -7.89
N ALA A 11 0.00 10.85 -7.23
CA ALA A 11 -0.18 10.77 -5.78
C ALA A 11 -1.31 9.80 -5.46
N LEU A 12 -2.22 9.65 -6.42
CA LEU A 12 -3.35 8.76 -6.25
C LEU A 12 -2.88 7.31 -6.38
N LEU A 13 -1.78 7.14 -7.09
CA LEU A 13 -1.21 5.82 -7.30
C LEU A 13 -0.54 5.35 -6.00
N LYS A 14 -0.14 6.32 -5.20
CA LYS A 14 0.52 6.03 -3.94
C LYS A 14 -0.52 5.52 -2.93
N ALA A 15 -1.76 5.90 -3.18
CA ALA A 15 -2.85 5.50 -2.30
C ALA A 15 -3.19 4.03 -2.55
N LEU A 16 -2.87 3.59 -3.76
CA LEU A 16 -3.13 2.20 -4.14
C LEU A 16 -2.11 1.29 -3.46
N TYR A 17 -0.96 1.87 -3.14
CA TYR A 17 0.10 1.13 -2.49
C TYR A 17 -0.21 0.88 -1.01
N GLY A 18 -1.10 1.73 -0.49
CA GLY A 18 -1.50 1.61 0.90
C GLY A 18 -2.10 0.24 1.19
N HIS A 19 -2.44 -0.46 0.11
CA HIS A 19 -3.04 -1.78 0.24
C HIS A 19 -1.92 -2.83 0.38
N GLY A 20 -0.74 -2.44 -0.08
CA GLY A 20 0.41 -3.33 -0.01
C GLY A 20 1.09 -3.25 1.35
N GLN A 21 0.73 -2.22 2.10
CA GLN A 21 1.29 -2.01 3.43
C GLN A 21 0.87 -3.14 4.37
N ILE A 22 -0.17 -3.86 3.95
CA ILE A 22 -0.67 -4.96 4.74
C ILE A 22 0.34 -6.10 4.73
N SER A 23 1.21 -6.06 3.74
CA SER A 23 2.24 -7.08 3.59
C SER A 23 3.44 -6.74 4.47
N HIS A 24 3.42 -5.53 5.01
CA HIS A 24 4.50 -5.07 5.86
C HIS A 24 4.48 -5.84 7.17
N LYS A 25 3.35 -6.49 7.42
CA LYS A 25 3.18 -7.27 8.64
C LYS A 25 4.11 -8.48 8.59
N ARG A 26 4.58 -8.79 7.39
CA ARG A 26 5.47 -9.92 7.19
C ARG A 26 6.91 -9.52 7.48
N HIS A 27 7.11 -8.21 7.58
CA HIS A 27 8.44 -7.67 7.85
C HIS A 27 8.79 -7.92 9.32
N LYS A 28 7.77 -8.16 10.11
CA LYS A 28 7.95 -8.41 11.53
C LYS A 28 8.69 -9.74 11.72
N THR A 29 8.54 -10.60 10.73
CA THR A 29 9.18 -11.91 10.77
C THR A 29 10.68 -11.78 10.49
N ASP A 30 11.03 -10.72 9.78
CA ASP A 30 12.42 -10.47 9.45
C ASP A 30 13.15 -9.95 10.68
N SER A 31 12.38 -9.42 11.62
CA SER A 31 12.94 -8.89 12.85
C SER A 31 13.72 -9.98 13.58
N PHE A 32 13.38 -11.23 13.27
CA PHE A 32 14.05 -12.37 13.88
C PHE A 32 15.56 -12.29 13.69
N VAL A 33 15.96 -11.51 12.69
CA VAL A 33 17.37 -11.35 12.40
C VAL A 33 18.01 -10.47 13.48
N GLY A 34 17.17 -9.74 14.19
CA GLY A 34 17.64 -8.88 15.25
C GLY A 34 18.14 -9.69 16.44
N LEU A 35 17.78 -10.96 16.46
CA LEU A 35 18.19 -11.85 17.53
C LEU A 35 19.65 -12.22 17.33
N MET A 36 20.12 -12.04 16.11
CA MET A 36 21.52 -12.35 15.78
C MET A 36 22.46 -11.28 16.33
N ASP A 1 0.55 25.06 -18.72
CA ASP A 1 1.51 24.69 -17.69
C ASP A 1 0.77 24.31 -16.41
N ALA A 2 -0.46 24.78 -16.33
CA ALA A 2 -1.29 24.51 -15.17
C ALA A 2 -1.77 23.05 -15.22
N ASP A 3 -1.66 22.47 -16.40
CA ASP A 3 -2.07 21.10 -16.61
C ASP A 3 -1.21 20.18 -15.73
N SER A 4 -0.09 20.73 -15.28
CA SER A 4 0.83 19.96 -14.44
C SER A 4 0.09 19.42 -13.22
N SER A 5 -1.05 20.03 -12.93
CA SER A 5 -1.85 19.61 -11.79
C SER A 5 -2.22 18.13 -11.93
N ILE A 6 -2.13 17.64 -13.16
CA ILE A 6 -2.45 16.25 -13.44
C ILE A 6 -1.38 15.36 -12.80
N GLU A 7 -0.21 15.95 -12.58
CA GLU A 7 0.89 15.22 -11.99
C GLU A 7 0.50 14.69 -10.60
N LYS A 8 -0.56 15.28 -10.06
CA LYS A 8 -1.04 14.88 -8.76
C LYS A 8 -1.64 13.47 -8.84
N GLN A 9 -2.04 13.11 -10.06
CA GLN A 9 -2.62 11.80 -10.29
C GLN A 9 -1.66 10.70 -9.84
N VAL A 10 -0.37 11.05 -9.82
CA VAL A 10 0.65 10.11 -9.42
C VAL A 10 0.56 9.88 -7.91
N ALA A 11 0.00 10.86 -7.22
CA ALA A 11 -0.15 10.76 -5.78
C ALA A 11 -1.28 9.80 -5.45
N LEU A 12 -2.19 9.65 -6.41
CA LEU A 12 -3.33 8.76 -6.23
C LEU A 12 -2.86 7.31 -6.37
N LEU A 13 -1.76 7.13 -7.07
CA LEU A 13 -1.20 5.81 -7.28
C LEU A 13 -0.52 5.34 -5.99
N LYS A 14 -0.12 6.32 -5.19
CA LYS A 14 0.54 6.01 -3.92
C LYS A 14 -0.50 5.51 -2.92
N ALA A 15 -1.74 5.91 -3.15
CA ALA A 15 -2.83 5.50 -2.28
C ALA A 15 -3.17 4.03 -2.54
N LEU A 16 -2.85 3.59 -3.74
CA LEU A 16 -3.11 2.21 -4.12
C LEU A 16 -2.10 1.29 -3.45
N TYR A 17 -0.95 1.85 -3.13
CA TYR A 17 0.11 1.10 -2.47
C TYR A 17 -0.22 0.86 -1.00
N GLY A 18 -1.09 1.71 -0.47
CA GLY A 18 -1.49 1.61 0.92
C GLY A 18 -2.19 0.28 1.18
N HIS A 19 -2.65 -0.34 0.10
CA HIS A 19 -3.34 -1.62 0.20
C HIS A 19 -2.35 -2.71 0.63
N GLY A 20 -1.07 -2.39 0.50
CA GLY A 20 -0.02 -3.32 0.87
C GLY A 20 0.07 -3.48 2.39
N GLN A 21 -0.56 -2.53 3.08
CA GLN A 21 -0.56 -2.56 4.54
C GLN A 21 -1.45 -3.70 5.06
N ILE A 22 -2.29 -4.19 4.16
CA ILE A 22 -3.20 -5.27 4.51
C ILE A 22 -2.40 -6.58 4.61
N SER A 23 -1.20 -6.54 4.05
CA SER A 23 -0.34 -7.71 4.06
C SER A 23 0.14 -7.99 5.49
N HIS A 24 -0.03 -6.99 6.34
CA HIS A 24 0.39 -7.12 7.73
C HIS A 24 -0.52 -8.11 8.45
N LYS A 25 -1.66 -8.38 7.82
CA LYS A 25 -2.63 -9.30 8.39
C LYS A 25 -2.10 -10.73 8.25
N ARG A 26 -1.19 -10.90 7.31
CA ARG A 26 -0.60 -12.22 7.07
C ARG A 26 0.31 -12.62 8.23
N HIS A 27 0.72 -11.61 8.99
CA HIS A 27 1.59 -11.83 10.13
C HIS A 27 0.81 -12.56 11.23
N LYS A 28 -0.51 -12.41 11.18
CA LYS A 28 -1.37 -13.03 12.16
C LYS A 28 -1.30 -14.55 12.00
N THR A 29 -0.94 -14.97 10.79
CA THR A 29 -0.83 -16.39 10.50
C THR A 29 0.44 -16.96 11.12
N ASP A 30 1.42 -16.08 11.32
CA ASP A 30 2.68 -16.49 11.90
C ASP A 30 2.50 -16.71 13.41
N SER A 31 1.45 -16.10 13.94
CA SER A 31 1.16 -16.23 15.36
C SER A 31 0.97 -17.70 15.72
N PHE A 32 0.66 -18.49 14.72
CA PHE A 32 0.46 -19.92 14.92
C PHE A 32 1.80 -20.64 15.12
N VAL A 33 2.86 -19.99 14.66
CA VAL A 33 4.19 -20.56 14.78
C VAL A 33 4.54 -20.72 16.26
N GLY A 34 3.81 -20.00 17.10
CA GLY A 34 4.02 -20.06 18.53
C GLY A 34 3.36 -21.29 19.14
N LEU A 35 2.49 -21.90 18.35
CA LEU A 35 1.78 -23.10 18.80
C LEU A 35 2.65 -24.32 18.53
N MET A 36 3.66 -24.13 17.69
CA MET A 36 4.56 -25.22 17.35
C MET A 36 5.46 -25.58 18.54
N ASP A 1 2.44 27.22 -15.49
CA ASP A 1 2.99 25.89 -15.30
C ASP A 1 2.19 25.16 -14.21
N ALA A 2 0.97 25.62 -14.02
CA ALA A 2 0.10 25.03 -13.02
C ALA A 2 -0.41 23.68 -13.53
N ASP A 3 -0.34 23.51 -14.83
CA ASP A 3 -0.78 22.28 -15.45
C ASP A 3 -0.03 21.10 -14.84
N SER A 4 1.10 21.42 -14.23
CA SER A 4 1.92 20.41 -13.59
C SER A 4 1.12 19.68 -12.50
N SER A 5 0.01 20.30 -12.12
CA SER A 5 -0.85 19.73 -11.10
C SER A 5 -1.38 18.37 -11.55
N ILE A 6 -1.37 18.19 -12.86
CA ILE A 6 -1.85 16.94 -13.44
C ILE A 6 -1.03 15.77 -12.88
N GLU A 7 0.14 16.11 -12.36
CA GLU A 7 1.03 15.11 -11.80
C GLU A 7 0.51 14.66 -10.43
N LYS A 8 -0.59 15.27 -10.01
CA LYS A 8 -1.19 14.94 -8.74
C LYS A 8 -1.81 13.54 -8.83
N GLN A 9 -2.07 13.11 -10.05
CA GLN A 9 -2.65 11.81 -10.29
C GLN A 9 -1.68 10.70 -9.86
N VAL A 10 -0.41 11.06 -9.81
CA VAL A 10 0.63 10.12 -9.42
C VAL A 10 0.55 9.87 -7.91
N ALA A 11 0.00 10.85 -7.22
CA ALA A 11 -0.14 10.76 -5.77
C ALA A 11 -1.28 9.79 -5.43
N LEU A 12 -2.19 9.64 -6.38
CA LEU A 12 -3.32 8.76 -6.20
C LEU A 12 -2.86 7.30 -6.34
N LEU A 13 -1.76 7.14 -7.06
CA LEU A 13 -1.21 5.81 -7.27
C LEU A 13 -0.51 5.33 -6.00
N LYS A 14 -0.11 6.30 -5.18
CA LYS A 14 0.56 6.00 -3.93
C LYS A 14 -0.47 5.50 -2.92
N ALA A 15 -1.72 5.89 -3.14
CA ALA A 15 -2.79 5.49 -2.26
C ALA A 15 -3.13 4.02 -2.52
N LEU A 16 -2.82 3.57 -3.72
CA LEU A 16 -3.10 2.20 -4.12
C LEU A 16 -2.07 1.28 -3.44
N TYR A 17 -0.92 1.85 -3.14
CA TYR A 17 0.14 1.09 -2.49
C TYR A 17 -0.18 0.85 -1.02
N GLY A 18 -1.03 1.70 -0.48
CA GLY A 18 -1.43 1.60 0.91
C GLY A 18 -2.36 0.40 1.14
N HIS A 19 -2.85 -0.13 0.02
CA HIS A 19 -3.75 -1.27 0.09
C HIS A 19 -2.96 -2.53 0.42
N GLY A 20 -1.65 -2.42 0.31
CA GLY A 20 -0.77 -3.54 0.60
C GLY A 20 -0.47 -3.64 2.09
N GLN A 21 -0.90 -2.61 2.81
CA GLN A 21 -0.69 -2.56 4.25
C GLN A 21 -1.64 -3.54 4.96
N ILE A 22 -2.58 -4.04 4.20
CA ILE A 22 -3.57 -4.98 4.73
C ILE A 22 -2.90 -6.35 4.93
N SER A 23 -1.78 -6.52 4.25
CA SER A 23 -1.03 -7.77 4.33
C SER A 23 -0.22 -7.80 5.63
N HIS A 24 -0.26 -6.69 6.34
CA HIS A 24 0.47 -6.58 7.60
C HIS A 24 -0.35 -7.17 8.73
N LYS A 25 -1.63 -7.40 8.44
CA LYS A 25 -2.54 -7.96 9.42
C LYS A 25 -2.09 -9.38 9.76
N ARG A 26 -1.27 -9.95 8.89
CA ARG A 26 -0.76 -11.29 9.09
C ARG A 26 0.13 -11.34 10.33
N HIS A 27 0.51 -10.16 10.79
CA HIS A 27 1.36 -10.05 11.97
C HIS A 27 0.55 -10.36 13.22
N LYS A 28 -0.77 -10.35 13.05
CA LYS A 28 -1.67 -10.63 14.16
C LYS A 28 -1.62 -12.12 14.49
N THR A 29 -1.26 -12.90 13.48
CA THR A 29 -1.17 -14.35 13.65
C THR A 29 0.07 -14.72 14.45
N ASP A 30 1.07 -13.84 14.38
CA ASP A 30 2.32 -14.06 15.10
C ASP A 30 2.10 -13.79 16.59
N SER A 31 1.06 -13.03 16.87
CA SER A 31 0.74 -12.69 18.25
C SER A 31 0.40 -13.96 19.03
N PHE A 32 0.19 -15.05 18.29
CA PHE A 32 -0.14 -16.31 18.90
C PHE A 32 0.96 -16.77 19.86
N VAL A 33 2.11 -16.11 19.74
CA VAL A 33 3.25 -16.44 20.58
C VAL A 33 2.83 -16.35 22.06
N GLY A 34 1.77 -15.59 22.29
CA GLY A 34 1.26 -15.40 23.63
C GLY A 34 0.69 -16.72 24.18
N LEU A 35 0.47 -17.65 23.27
CA LEU A 35 -0.08 -18.94 23.65
C LEU A 35 0.99 -19.74 24.41
N MET A 36 2.23 -19.27 24.28
CA MET A 36 3.34 -19.94 24.94
C MET A 36 3.29 -19.70 26.46
N ASP A 1 1.25 21.00 -21.28
CA ASP A 1 -0.09 21.57 -21.37
C ASP A 1 -0.68 21.71 -19.96
N ALA A 2 -1.77 22.45 -19.89
CA ALA A 2 -2.44 22.68 -18.62
C ALA A 2 -3.01 21.36 -18.11
N ASP A 3 -3.10 20.40 -19.01
CA ASP A 3 -3.63 19.09 -18.66
C ASP A 3 -2.57 18.32 -17.86
N SER A 4 -1.34 18.81 -17.93
CA SER A 4 -0.25 18.18 -17.21
C SER A 4 -0.58 18.08 -15.72
N SER A 5 -1.55 18.88 -15.31
CA SER A 5 -1.98 18.88 -13.92
C SER A 5 -2.42 17.48 -13.51
N ILE A 6 -2.72 16.67 -14.50
CA ILE A 6 -3.15 15.30 -14.26
C ILE A 6 -1.98 14.50 -13.68
N GLU A 7 -0.78 15.01 -13.90
CA GLU A 7 0.42 14.35 -13.42
C GLU A 7 0.38 14.24 -11.89
N LYS A 8 -0.53 15.01 -11.30
CA LYS A 8 -0.68 15.00 -9.84
C LYS A 8 -1.37 13.71 -9.41
N GLN A 9 -1.97 13.04 -10.39
CA GLN A 9 -2.67 11.80 -10.12
C GLN A 9 -1.68 10.73 -9.64
N VAL A 10 -0.41 11.02 -9.84
CA VAL A 10 0.64 10.09 -9.43
C VAL A 10 0.56 9.86 -7.93
N ALA A 11 -0.02 10.84 -7.24
CA ALA A 11 -0.16 10.75 -5.79
C ALA A 11 -1.30 9.79 -5.47
N LEU A 12 -2.21 9.63 -6.41
CA LEU A 12 -3.34 8.74 -6.23
C LEU A 12 -2.87 7.29 -6.37
N LEU A 13 -1.77 7.12 -7.08
CA LEU A 13 -1.20 5.80 -7.29
C LEU A 13 -0.51 5.34 -6.01
N LYS A 14 -0.12 6.30 -5.20
CA LYS A 14 0.56 6.01 -3.95
C LYS A 14 -0.47 5.51 -2.94
N ALA A 15 -1.72 5.90 -3.17
CA ALA A 15 -2.80 5.49 -2.28
C ALA A 15 -3.14 4.02 -2.54
N LEU A 16 -2.82 3.57 -3.75
CA LEU A 16 -3.08 2.20 -4.13
C LEU A 16 -2.07 1.27 -3.44
N TYR A 17 -0.92 1.85 -3.14
CA TYR A 17 0.15 1.10 -2.50
C TYR A 17 -0.16 0.87 -1.02
N GLY A 18 -1.03 1.71 -0.49
CA GLY A 18 -1.43 1.61 0.91
C GLY A 18 -2.39 0.44 1.12
N HIS A 19 -2.95 -0.03 0.02
CA HIS A 19 -3.89 -1.14 0.08
C HIS A 19 -3.15 -2.41 0.53
N GLY A 20 -1.84 -2.38 0.38
CA GLY A 20 -1.02 -3.51 0.76
C GLY A 20 -1.03 -3.70 2.28
N GLN A 21 -1.44 -2.66 2.97
CA GLN A 21 -1.52 -2.70 4.42
C GLN A 21 -2.82 -3.35 4.88
N ILE A 22 -3.80 -3.32 3.99
CA ILE A 22 -5.10 -3.90 4.29
C ILE A 22 -5.07 -5.40 3.96
N SER A 23 -3.87 -5.87 3.65
CA SER A 23 -3.69 -7.28 3.32
C SER A 23 -3.84 -8.15 4.56
N HIS A 24 -3.68 -7.49 5.71
CA HIS A 24 -3.79 -8.18 6.98
C HIS A 24 -5.26 -8.47 7.28
N LYS A 25 -6.12 -7.82 6.51
CA LYS A 25 -7.56 -8.00 6.69
C LYS A 25 -7.97 -9.37 6.14
N ARG A 26 -7.08 -9.94 5.33
CA ARG A 26 -7.33 -11.23 4.73
C ARG A 26 -7.41 -12.32 5.81
N HIS A 27 -6.80 -12.02 6.95
CA HIS A 27 -6.79 -12.94 8.06
C HIS A 27 -8.23 -13.26 8.48
N LYS A 28 -9.14 -12.37 8.10
CA LYS A 28 -10.54 -12.54 8.42
C LYS A 28 -11.12 -13.69 7.60
N THR A 29 -10.48 -13.94 6.46
CA THR A 29 -10.91 -15.00 5.58
C THR A 29 -10.51 -16.37 6.15
N ASP A 30 -9.48 -16.35 6.96
CA ASP A 30 -8.99 -17.58 7.58
C ASP A 30 -9.94 -17.98 8.71
N SER A 31 -10.69 -17.01 9.19
CA SER A 31 -11.64 -17.25 10.26
C SER A 31 -12.69 -18.27 9.82
N PHE A 32 -12.73 -18.48 8.51
CA PHE A 32 -13.68 -19.43 7.94
C PHE A 32 -13.41 -20.85 8.44
N VAL A 33 -12.26 -21.01 9.08
CA VAL A 33 -11.87 -22.31 9.62
C VAL A 33 -12.97 -22.82 10.55
N GLY A 34 -13.77 -21.88 11.05
CA GLY A 34 -14.85 -22.22 11.96
C GLY A 34 -16.03 -22.83 11.19
N LEU A 35 -16.01 -22.62 9.88
CA LEU A 35 -17.07 -23.13 9.02
C LEU A 35 -16.69 -24.54 8.54
N MET A 36 -15.70 -25.11 9.22
CA MET A 36 -15.24 -26.44 8.87
C MET A 36 -16.26 -27.50 9.27
N ASP A 1 -0.82 22.56 -21.65
CA ASP A 1 0.32 22.79 -20.77
C ASP A 1 -0.09 22.49 -19.33
N ALA A 2 -1.39 22.53 -19.09
CA ALA A 2 -1.93 22.27 -17.77
C ALA A 2 -1.85 20.76 -17.48
N ASP A 3 -1.65 19.99 -18.53
CA ASP A 3 -1.55 18.56 -18.41
C ASP A 3 -0.47 18.21 -17.38
N SER A 4 0.40 19.17 -17.15
CA SER A 4 1.48 18.98 -16.19
C SER A 4 0.91 18.69 -14.81
N SER A 5 -0.36 19.07 -14.63
CA SER A 5 -1.03 18.84 -13.36
C SER A 5 -1.40 17.37 -13.21
N ILE A 6 -1.43 16.68 -14.34
CA ILE A 6 -1.76 15.27 -14.34
C ILE A 6 -0.82 14.52 -13.40
N GLU A 7 0.33 15.15 -13.14
CA GLU A 7 1.32 14.55 -12.26
C GLU A 7 0.77 14.43 -10.84
N LYS A 8 -0.35 15.11 -10.62
CA LYS A 8 -0.99 15.09 -9.32
C LYS A 8 -1.68 13.74 -9.11
N GLN A 9 -2.00 13.10 -10.24
CA GLN A 9 -2.66 11.81 -10.19
C GLN A 9 -1.69 10.71 -9.75
N VAL A 10 -0.40 11.05 -9.82
CA VAL A 10 0.63 10.11 -9.43
C VAL A 10 0.55 9.87 -7.92
N ALA A 11 -0.01 10.85 -7.23
CA ALA A 11 -0.15 10.76 -5.79
C ALA A 11 -1.29 9.79 -5.44
N LEU A 12 -2.19 9.64 -6.40
CA LEU A 12 -3.33 8.76 -6.22
C LEU A 12 -2.86 7.30 -6.35
N LEU A 13 -1.76 7.13 -7.07
CA LEU A 13 -1.20 5.80 -7.28
C LEU A 13 -0.51 5.33 -6.00
N LYS A 14 -0.12 6.31 -5.19
CA LYS A 14 0.56 6.01 -3.94
C LYS A 14 -0.46 5.51 -2.93
N ALA A 15 -1.72 5.89 -3.15
CA ALA A 15 -2.79 5.49 -2.27
C ALA A 15 -3.14 4.02 -2.53
N LEU A 16 -2.82 3.57 -3.73
CA LEU A 16 -3.10 2.20 -4.12
C LEU A 16 -2.07 1.28 -3.44
N TYR A 17 -0.92 1.85 -3.14
CA TYR A 17 0.14 1.09 -2.49
C TYR A 17 -0.17 0.86 -1.01
N GLY A 18 -1.04 1.71 -0.48
CA GLY A 18 -1.43 1.60 0.91
C GLY A 18 -2.34 0.39 1.14
N HIS A 19 -2.77 -0.20 0.02
CA HIS A 19 -3.65 -1.35 0.09
C HIS A 19 -2.83 -2.60 0.42
N GLY A 20 -1.52 -2.45 0.29
CA GLY A 20 -0.61 -3.56 0.58
C GLY A 20 -0.39 -3.72 2.08
N GLN A 21 -0.86 -2.72 2.83
CA GLN A 21 -0.71 -2.74 4.28
C GLN A 21 -1.74 -3.68 4.89
N ILE A 22 -2.76 -4.00 4.11
CA ILE A 22 -3.82 -4.89 4.58
C ILE A 22 -3.34 -6.33 4.46
N SER A 23 -2.28 -6.52 3.69
CA SER A 23 -1.72 -7.84 3.49
C SER A 23 -1.11 -8.35 4.79
N HIS A 24 -1.00 -7.45 5.75
CA HIS A 24 -0.44 -7.79 7.05
C HIS A 24 -1.50 -8.50 7.90
N LYS A 25 -2.74 -8.35 7.48
CA LYS A 25 -3.85 -8.97 8.18
C LYS A 25 -4.02 -10.41 7.70
N ARG A 26 -3.51 -10.67 6.51
CA ARG A 26 -3.59 -11.99 5.93
C ARG A 26 -2.78 -12.99 6.75
N HIS A 27 -1.90 -12.45 7.58
CA HIS A 27 -1.06 -13.28 8.42
C HIS A 27 -1.92 -13.96 9.50
N LYS A 28 -3.09 -13.38 9.71
CA LYS A 28 -4.01 -13.91 10.70
C LYS A 28 -4.64 -15.20 10.16
N THR A 29 -4.67 -15.29 8.84
CA THR A 29 -5.25 -16.47 8.18
C THR A 29 -4.29 -17.65 8.29
N ASP A 30 -3.02 -17.33 8.43
CA ASP A 30 -1.99 -18.37 8.55
C ASP A 30 -2.06 -18.98 9.95
N SER A 31 -2.65 -18.23 10.87
CA SER A 31 -2.78 -18.70 12.24
C SER A 31 -3.84 -19.80 12.33
N PHE A 32 -4.72 -19.80 11.34
CA PHE A 32 -5.79 -20.79 11.28
C PHE A 32 -5.24 -22.16 10.84
N VAL A 33 -4.08 -22.11 10.21
CA VAL A 33 -3.44 -23.33 9.73
C VAL A 33 -3.04 -24.19 10.94
N GLY A 34 -2.98 -23.55 12.08
CA GLY A 34 -2.60 -24.23 13.31
C GLY A 34 -3.77 -25.05 13.86
N LEU A 35 -4.95 -24.75 13.34
CA LEU A 35 -6.15 -25.43 13.78
C LEU A 35 -6.33 -26.71 12.95
N MET A 36 -5.67 -26.73 11.81
CA MET A 36 -5.73 -27.88 10.92
C MET A 36 -4.98 -29.07 11.50
N ASP A 1 0.20 24.03 -19.52
CA ASP A 1 -1.25 23.94 -19.39
C ASP A 1 -1.60 23.20 -18.10
N ALA A 2 -2.86 23.32 -17.70
CA ALA A 2 -3.33 22.66 -16.49
C ALA A 2 -3.19 21.14 -16.65
N ASP A 3 -3.02 20.72 -17.89
CA ASP A 3 -2.87 19.31 -18.19
C ASP A 3 -1.67 18.75 -17.41
N SER A 4 -0.82 19.66 -16.98
CA SER A 4 0.36 19.28 -16.23
C SER A 4 -0.03 18.87 -14.81
N SER A 5 -1.23 19.26 -14.43
CA SER A 5 -1.74 18.95 -13.10
C SER A 5 -2.09 17.46 -13.01
N ILE A 6 -2.30 16.86 -14.18
CA ILE A 6 -2.65 15.46 -14.25
C ILE A 6 -1.54 14.62 -13.59
N GLU A 7 -0.36 15.23 -13.50
CA GLU A 7 0.79 14.57 -12.90
C GLU A 7 0.54 14.34 -11.40
N LYS A 8 -0.41 15.11 -10.87
CA LYS A 8 -0.74 14.99 -9.46
C LYS A 8 -1.42 13.64 -9.21
N GLN A 9 -1.98 13.09 -10.27
CA GLN A 9 -2.65 11.81 -10.18
C GLN A 9 -1.68 10.72 -9.72
N VAL A 10 -0.40 11.04 -9.83
CA VAL A 10 0.64 10.10 -9.43
C VAL A 10 0.56 9.86 -7.93
N ALA A 11 -0.01 10.85 -7.24
CA ALA A 11 -0.16 10.76 -5.80
C ALA A 11 -1.29 9.79 -5.45
N LEU A 12 -2.20 9.64 -6.41
CA LEU A 12 -3.33 8.75 -6.24
C LEU A 12 -2.86 7.30 -6.36
N LEU A 13 -1.76 7.13 -7.08
CA LEU A 13 -1.20 5.81 -7.29
C LEU A 13 -0.51 5.33 -6.00
N LYS A 14 -0.12 6.31 -5.19
CA LYS A 14 0.55 6.02 -3.94
C LYS A 14 -0.49 5.51 -2.93
N ALA A 15 -1.73 5.89 -3.15
CA ALA A 15 -2.81 5.50 -2.28
C ALA A 15 -3.15 4.02 -2.54
N LEU A 16 -2.83 3.58 -3.73
CA LEU A 16 -3.10 2.20 -4.13
C LEU A 16 -2.08 1.28 -3.44
N TYR A 17 -0.93 1.86 -3.13
CA TYR A 17 0.14 1.10 -2.49
C TYR A 17 -0.19 0.87 -1.00
N GLY A 18 -1.06 1.72 -0.47
CA GLY A 18 -1.46 1.61 0.92
C GLY A 18 -2.32 0.37 1.14
N HIS A 19 -2.84 -0.16 0.05
CA HIS A 19 -3.68 -1.34 0.12
C HIS A 19 -2.84 -2.55 0.53
N GLY A 20 -1.54 -2.43 0.31
CA GLY A 20 -0.62 -3.50 0.65
C GLY A 20 -0.20 -3.41 2.12
N GLN A 21 -0.47 -2.25 2.71
CA GLN A 21 -0.12 -2.02 4.10
C GLN A 21 -1.01 -2.87 5.01
N ILE A 22 -2.16 -3.23 4.48
CA ILE A 22 -3.11 -4.03 5.23
C ILE A 22 -2.74 -5.51 5.10
N SER A 23 -1.97 -5.81 4.07
CA SER A 23 -1.54 -7.18 3.82
C SER A 23 -0.39 -7.54 4.77
N HIS A 24 0.26 -6.51 5.30
CA HIS A 24 1.35 -6.72 6.22
C HIS A 24 0.82 -7.02 7.61
N LYS A 25 -0.44 -6.63 7.82
CA LYS A 25 -1.09 -6.86 9.11
C LYS A 25 -1.65 -8.28 9.15
N ARG A 26 -1.76 -8.87 7.96
CA ARG A 26 -2.29 -10.22 7.85
C ARG A 26 -1.19 -11.24 8.16
N HIS A 27 0.04 -10.77 8.09
CA HIS A 27 1.18 -11.63 8.36
C HIS A 27 1.12 -12.13 9.81
N LYS A 28 0.34 -11.42 10.61
CA LYS A 28 0.18 -11.77 12.01
C LYS A 28 -0.60 -13.08 12.11
N THR A 29 -1.39 -13.34 11.08
CA THR A 29 -2.20 -14.55 11.04
C THR A 29 -1.33 -15.77 10.73
N ASP A 30 -0.21 -15.50 10.06
CA ASP A 30 0.72 -16.56 9.70
C ASP A 30 1.49 -16.99 10.94
N SER A 31 1.53 -16.11 11.92
CA SER A 31 2.24 -16.39 13.17
C SER A 31 1.69 -17.67 13.80
N PHE A 32 0.48 -18.03 13.37
CA PHE A 32 -0.16 -19.23 13.89
C PHE A 32 0.47 -20.48 13.30
N VAL A 33 1.27 -20.29 12.26
CA VAL A 33 1.93 -21.40 11.60
C VAL A 33 2.95 -22.01 12.56
N GLY A 34 3.29 -21.25 13.59
CA GLY A 34 4.25 -21.71 14.58
C GLY A 34 3.60 -22.70 15.55
N LEU A 35 2.29 -22.79 15.46
CA LEU A 35 1.54 -23.69 16.33
C LEU A 35 1.82 -25.14 15.90
N MET A 36 2.34 -25.27 14.68
CA MET A 36 2.66 -26.59 14.15
C MET A 36 3.90 -27.17 14.82
N ASP A 1 2.04 23.65 -20.27
CA ASP A 1 2.82 22.99 -19.23
C ASP A 1 1.99 22.91 -17.95
N ALA A 2 0.97 23.75 -17.87
CA ALA A 2 0.10 23.77 -16.72
C ALA A 2 -0.80 22.54 -16.73
N ASP A 3 -0.87 21.91 -17.91
CA ASP A 3 -1.69 20.73 -18.07
C ASP A 3 -1.03 19.55 -17.34
N SER A 4 0.24 19.74 -17.01
CA SER A 4 0.98 18.71 -16.30
C SER A 4 0.43 18.54 -14.89
N SER A 5 -0.44 19.46 -14.51
CA SER A 5 -1.04 19.43 -13.19
C SER A 5 -1.74 18.09 -12.96
N ILE A 6 -2.00 17.40 -14.06
CA ILE A 6 -2.66 16.11 -14.00
C ILE A 6 -1.68 15.07 -13.44
N GLU A 7 -0.41 15.44 -13.45
CA GLU A 7 0.63 14.56 -12.95
C GLU A 7 0.46 14.32 -11.45
N LYS A 8 -0.34 15.19 -10.84
CA LYS A 8 -0.61 15.08 -9.41
C LYS A 8 -1.28 13.74 -9.11
N GLN A 9 -1.90 13.19 -10.15
CA GLN A 9 -2.58 11.92 -10.01
C GLN A 9 -1.60 10.83 -9.56
N VAL A 10 -0.32 11.14 -9.70
CA VAL A 10 0.72 10.22 -9.32
C VAL A 10 0.61 9.91 -7.82
N ALA A 11 0.01 10.85 -7.10
CA ALA A 11 -0.18 10.69 -5.67
C ALA A 11 -1.31 9.69 -5.41
N LEU A 12 -2.18 9.58 -6.39
CA LEU A 12 -3.31 8.67 -6.28
C LEU A 12 -2.82 7.23 -6.47
N LEU A 13 -1.69 7.11 -7.16
CA LEU A 13 -1.12 5.80 -7.42
C LEU A 13 -0.54 5.24 -6.12
N LYS A 14 -0.08 6.15 -5.28
CA LYS A 14 0.49 5.75 -3.99
C LYS A 14 -0.63 5.36 -3.03
N ALA A 15 -1.84 5.77 -3.39
CA ALA A 15 -3.00 5.46 -2.58
C ALA A 15 -3.31 3.96 -2.67
N LEU A 16 -3.05 3.41 -3.84
CA LEU A 16 -3.28 2.00 -4.08
C LEU A 16 -2.20 1.18 -3.38
N TYR A 17 -1.05 1.81 -3.20
CA TYR A 17 0.08 1.16 -2.55
C TYR A 17 -0.15 1.05 -1.03
N GLY A 18 -1.04 1.90 -0.55
CA GLY A 18 -1.35 1.93 0.87
C GLY A 18 -1.93 0.59 1.32
N HIS A 19 -2.32 -0.22 0.35
CA HIS A 19 -2.89 -1.53 0.63
C HIS A 19 -1.76 -2.53 0.90
N GLY A 20 -0.58 -2.18 0.43
CA GLY A 20 0.59 -3.02 0.61
C GLY A 20 0.98 -3.11 2.09
N GLN A 21 0.47 -2.16 2.86
CA GLN A 21 0.76 -2.12 4.28
C GLN A 21 -0.01 -3.22 5.02
N ILE A 22 -1.08 -3.67 4.38
CA ILE A 22 -1.90 -4.72 4.95
C ILE A 22 -1.31 -6.08 4.60
N SER A 23 -0.12 -6.05 4.02
CA SER A 23 0.57 -7.26 3.63
C SER A 23 1.35 -7.82 4.82
N HIS A 24 1.64 -6.95 5.76
CA HIS A 24 2.38 -7.33 6.96
C HIS A 24 1.55 -8.31 7.78
N LYS A 25 0.24 -8.25 7.57
CA LYS A 25 -0.67 -9.13 8.28
C LYS A 25 -0.46 -10.57 7.82
N ARG A 26 0.09 -10.69 6.62
CA ARG A 26 0.36 -12.01 6.06
C ARG A 26 1.69 -12.56 6.58
N HIS A 27 2.50 -11.65 7.10
CA HIS A 27 3.79 -12.03 7.64
C HIS A 27 3.61 -13.04 8.77
N LYS A 28 2.40 -13.04 9.33
CA LYS A 28 2.08 -13.95 10.41
C LYS A 28 2.10 -15.38 9.88
N THR A 29 1.87 -15.51 8.59
CA THR A 29 1.85 -16.82 7.95
C THR A 29 3.28 -17.35 7.80
N ASP A 30 4.22 -16.42 7.75
CA ASP A 30 5.62 -16.79 7.60
C ASP A 30 6.14 -17.33 8.94
N SER A 31 5.45 -16.97 10.00
CA SER A 31 5.82 -17.41 11.33
C SER A 31 5.78 -18.94 11.41
N PHE A 32 5.02 -19.53 10.49
CA PHE A 32 4.90 -20.97 10.45
C PHE A 32 6.19 -21.63 9.99
N VAL A 33 7.01 -20.83 9.32
CA VAL A 33 8.29 -21.31 8.81
C VAL A 33 9.26 -21.45 9.98
N GLY A 34 8.92 -20.81 11.08
CA GLY A 34 9.76 -20.85 12.27
C GLY A 34 9.50 -22.12 13.08
N LEU A 35 8.38 -22.76 12.77
CA LEU A 35 8.01 -24.00 13.45
C LEU A 35 8.86 -25.15 12.92
N MET A 36 9.37 -24.95 11.71
CA MET A 36 10.20 -25.96 11.08
C MET A 36 11.61 -25.96 11.65
N ASP A 1 -0.82 22.41 -21.29
CA ASP A 1 -0.01 23.29 -20.45
C ASP A 1 -0.27 22.93 -18.98
N ALA A 2 -1.28 23.59 -18.43
CA ALA A 2 -1.63 23.36 -17.03
C ALA A 2 -1.94 21.87 -16.82
N ASP A 3 -2.18 21.19 -17.94
CA ASP A 3 -2.48 19.77 -17.89
C ASP A 3 -1.36 19.04 -17.15
N SER A 4 -0.21 19.70 -17.08
CA SER A 4 0.94 19.12 -16.41
C SER A 4 0.59 18.83 -14.95
N SER A 5 -0.48 19.45 -14.48
CA SER A 5 -0.91 19.26 -13.11
C SER A 5 -1.51 17.86 -12.94
N ILE A 6 -1.94 17.29 -14.07
CA ILE A 6 -2.52 15.97 -14.06
C ILE A 6 -1.51 14.96 -13.48
N GLU A 7 -0.25 15.34 -13.56
CA GLU A 7 0.81 14.50 -13.05
C GLU A 7 0.63 14.26 -11.55
N LYS A 8 -0.23 15.07 -10.96
CA LYS A 8 -0.50 14.95 -9.54
C LYS A 8 -1.19 13.62 -9.25
N GLN A 9 -1.81 13.08 -10.30
CA GLN A 9 -2.51 11.81 -10.18
C GLN A 9 -1.56 10.73 -9.68
N VAL A 10 -0.28 11.00 -9.80
CA VAL A 10 0.74 10.06 -9.37
C VAL A 10 0.60 9.83 -7.85
N ALA A 11 0.02 10.82 -7.19
CA ALA A 11 -0.18 10.73 -5.75
C ALA A 11 -1.34 9.77 -5.46
N LEU A 12 -2.22 9.62 -6.45
CA LEU A 12 -3.36 8.74 -6.31
C LEU A 12 -2.90 7.29 -6.43
N LEU A 13 -1.77 7.11 -7.11
CA LEU A 13 -1.22 5.78 -7.29
C LEU A 13 -0.57 5.32 -5.99
N LYS A 14 -0.16 6.28 -5.18
CA LYS A 14 0.48 5.98 -3.92
C LYS A 14 -0.60 5.53 -2.92
N ALA A 15 -1.84 5.87 -3.23
CA ALA A 15 -2.96 5.51 -2.37
C ALA A 15 -3.26 4.02 -2.55
N LEU A 16 -3.02 3.54 -3.75
CA LEU A 16 -3.26 2.14 -4.07
C LEU A 16 -2.17 1.29 -3.43
N TYR A 17 -1.04 1.92 -3.18
CA TYR A 17 0.09 1.22 -2.57
C TYR A 17 -0.15 0.98 -1.08
N GLY A 18 -1.06 1.77 -0.53
CA GLY A 18 -1.39 1.65 0.89
C GLY A 18 -1.97 0.26 1.20
N HIS A 19 -2.39 -0.42 0.15
CA HIS A 19 -2.95 -1.75 0.30
C HIS A 19 -1.85 -2.74 0.68
N GLY A 20 -0.62 -2.30 0.49
CA GLY A 20 0.54 -3.13 0.81
C GLY A 20 0.74 -3.21 2.33
N GLN A 21 0.10 -2.29 3.04
CA GLN A 21 0.21 -2.25 4.49
C GLN A 21 -0.55 -3.43 5.10
N ILE A 22 -1.44 -4.00 4.31
CA ILE A 22 -2.24 -5.12 4.76
C ILE A 22 -1.32 -6.32 5.02
N SER A 23 -0.16 -6.28 4.38
CA SER A 23 0.81 -7.35 4.54
C SER A 23 1.36 -7.36 5.96
N HIS A 24 1.13 -6.26 6.66
CA HIS A 24 1.60 -6.13 8.03
C HIS A 24 0.63 -6.86 8.97
N LYS A 25 -0.57 -7.12 8.45
CA LYS A 25 -1.58 -7.81 9.22
C LYS A 25 -1.11 -9.24 9.53
N ARG A 26 -0.18 -9.69 8.71
CA ARG A 26 0.36 -11.04 8.89
C ARG A 26 1.40 -11.05 10.01
N HIS A 27 1.93 -9.87 10.29
CA HIS A 27 2.93 -9.74 11.34
C HIS A 27 2.27 -9.84 12.71
N LYS A 28 0.97 -9.59 12.72
CA LYS A 28 0.20 -9.65 13.96
C LYS A 28 -0.23 -11.09 14.21
N THR A 29 -0.29 -11.86 13.12
CA THR A 29 -0.69 -13.26 13.21
C THR A 29 0.28 -14.03 14.10
N ASP A 30 1.55 -13.68 13.97
CA ASP A 30 2.59 -14.35 14.75
C ASP A 30 2.54 -13.82 16.19
N SER A 31 2.01 -12.63 16.34
CA SER A 31 1.90 -12.01 17.65
C SER A 31 1.12 -12.92 18.59
N PHE A 32 0.34 -13.82 17.99
CA PHE A 32 -0.46 -14.76 18.76
C PHE A 32 0.42 -15.57 19.71
N VAL A 33 1.71 -15.58 19.42
CA VAL A 33 2.66 -16.32 20.23
C VAL A 33 2.79 -15.64 21.59
N GLY A 34 2.40 -14.37 21.62
CA GLY A 34 2.47 -13.60 22.85
C GLY A 34 1.26 -13.89 23.76
N LEU A 35 0.24 -14.47 23.15
CA LEU A 35 -0.96 -14.81 23.88
C LEU A 35 -0.75 -16.11 24.65
N MET A 36 0.23 -16.89 24.17
CA MET A 36 0.54 -18.15 24.80
C MET A 36 1.21 -17.94 26.17
N ASP A 1 -3.09 22.10 -22.09
CA ASP A 1 -2.17 21.43 -21.20
C ASP A 1 -2.84 21.20 -19.85
N ALA A 2 -4.16 21.13 -19.90
CA ALA A 2 -4.94 20.90 -18.68
C ALA A 2 -4.77 19.45 -18.24
N ASP A 3 -4.28 18.64 -19.16
CA ASP A 3 -4.05 17.23 -18.86
C ASP A 3 -2.84 17.08 -17.97
N SER A 4 -2.05 18.14 -17.90
CA SER A 4 -0.84 18.14 -17.09
C SER A 4 -1.18 17.78 -15.64
N SER A 5 -2.45 17.98 -15.30
CA SER A 5 -2.92 17.67 -13.97
C SER A 5 -3.01 16.15 -13.77
N ILE A 6 -3.05 15.45 -14.90
CA ILE A 6 -3.13 14.00 -14.86
C ILE A 6 -1.87 13.44 -14.22
N GLU A 7 -0.81 14.24 -14.28
CA GLU A 7 0.47 13.83 -13.72
C GLU A 7 0.43 13.93 -12.19
N LYS A 8 -0.48 14.76 -11.71
CA LYS A 8 -0.63 14.96 -10.28
C LYS A 8 -1.33 13.74 -9.68
N GLN A 9 -1.96 12.97 -10.55
CA GLN A 9 -2.67 11.77 -10.11
C GLN A 9 -1.68 10.72 -9.62
N VAL A 10 -0.41 11.01 -9.83
CA VAL A 10 0.65 10.09 -9.41
C VAL A 10 0.55 9.86 -7.90
N ALA A 11 -0.02 10.85 -7.23
CA ALA A 11 -0.16 10.77 -5.78
C ALA A 11 -1.30 9.79 -5.45
N LEU A 12 -2.21 9.65 -6.40
CA LEU A 12 -3.35 8.75 -6.22
C LEU A 12 -2.88 7.31 -6.35
N LEU A 13 -1.77 7.14 -7.08
CA LEU A 13 -1.21 5.82 -7.30
C LEU A 13 -0.51 5.34 -6.01
N LYS A 14 -0.12 6.32 -5.20
CA LYS A 14 0.55 6.02 -3.95
C LYS A 14 -0.47 5.51 -2.93
N ALA A 15 -1.72 5.90 -3.16
CA ALA A 15 -2.79 5.49 -2.27
C ALA A 15 -3.14 4.02 -2.53
N LEU A 16 -2.82 3.58 -3.74
CA LEU A 16 -3.09 2.20 -4.13
C LEU A 16 -2.07 1.28 -3.46
N TYR A 17 -0.91 1.86 -3.15
CA TYR A 17 0.15 1.10 -2.51
C TYR A 17 -0.16 0.86 -1.03
N GLY A 18 -1.03 1.71 -0.50
CA GLY A 18 -1.42 1.60 0.90
C GLY A 18 -2.38 0.43 1.12
N HIS A 19 -2.95 -0.04 0.02
CA HIS A 19 -3.89 -1.14 0.07
C HIS A 19 -3.13 -2.43 0.40
N GLY A 20 -1.82 -2.35 0.31
CA GLY A 20 -0.97 -3.50 0.61
C GLY A 20 -0.73 -3.63 2.11
N GLN A 21 -0.99 -2.54 2.82
CA GLN A 21 -0.81 -2.52 4.26
C GLN A 21 -2.06 -3.07 4.96
N ILE A 22 -3.15 -3.10 4.21
CA ILE A 22 -4.41 -3.60 4.73
C ILE A 22 -4.40 -5.14 4.69
N SER A 23 -3.31 -5.68 4.20
CA SER A 23 -3.17 -7.12 4.10
C SER A 23 -3.14 -7.75 5.50
N HIS A 24 -2.93 -6.88 6.48
CA HIS A 24 -2.88 -7.34 7.87
C HIS A 24 -4.28 -7.75 8.33
N LYS A 25 -5.27 -7.37 7.53
CA LYS A 25 -6.65 -7.70 7.84
C LYS A 25 -6.85 -9.20 7.70
N ARG A 26 -5.92 -9.83 7.00
CA ARG A 26 -5.98 -11.28 6.81
C ARG A 26 -5.82 -12.01 8.14
N HIS A 27 -5.37 -11.27 9.13
CA HIS A 27 -5.17 -11.83 10.45
C HIS A 27 -6.53 -12.03 11.14
N LYS A 28 -7.52 -11.34 10.61
CA LYS A 28 -8.86 -11.43 11.16
C LYS A 28 -9.43 -12.83 10.90
N THR A 29 -8.89 -13.46 9.87
CA THR A 29 -9.32 -14.80 9.50
C THR A 29 -8.76 -15.83 10.48
N ASP A 30 -7.63 -15.46 11.09
CA ASP A 30 -6.99 -16.34 12.05
C ASP A 30 -7.77 -16.33 13.36
N SER A 31 -8.55 -15.28 13.54
CA SER A 31 -9.35 -15.13 14.74
C SER A 31 -10.55 -16.09 14.68
N PHE A 32 -10.90 -16.47 13.47
CA PHE A 32 -12.02 -17.38 13.26
C PHE A 32 -11.64 -18.81 13.65
N VAL A 33 -10.34 -19.07 13.67
CA VAL A 33 -9.84 -20.38 14.02
C VAL A 33 -9.97 -20.58 15.53
N GLY A 34 -10.15 -19.48 16.23
CA GLY A 34 -10.28 -19.52 17.68
C GLY A 34 -11.63 -20.12 18.08
N LEU A 35 -12.55 -20.14 17.12
CA LEU A 35 -13.88 -20.69 17.36
C LEU A 35 -13.88 -22.18 17.04
N MET A 36 -12.68 -22.73 16.95
CA MET A 36 -12.53 -24.14 16.64
C MET A 36 -12.77 -25.00 17.88
N ASP A 1 -4.57 24.49 -18.38
CA ASP A 1 -3.44 24.60 -17.46
C ASP A 1 -3.60 23.56 -16.35
N ALA A 2 -4.81 23.03 -16.25
CA ALA A 2 -5.10 22.02 -15.24
C ALA A 2 -4.44 20.70 -15.63
N ASP A 3 -4.18 20.58 -16.93
CA ASP A 3 -3.55 19.37 -17.45
C ASP A 3 -2.25 19.10 -16.68
N SER A 4 -1.75 20.15 -16.04
CA SER A 4 -0.52 20.03 -15.27
C SER A 4 -0.80 19.29 -13.96
N SER A 5 -2.06 19.31 -13.56
CA SER A 5 -2.46 18.65 -12.34
C SER A 5 -2.50 17.14 -12.54
N ILE A 6 -2.59 16.75 -13.80
CA ILE A 6 -2.63 15.33 -14.15
C ILE A 6 -1.42 14.63 -13.54
N GLU A 7 -0.39 15.42 -13.27
CA GLU A 7 0.83 14.88 -12.69
C GLU A 7 0.61 14.55 -11.22
N LYS A 8 -0.38 15.21 -10.63
CA LYS A 8 -0.70 15.00 -9.22
C LYS A 8 -1.35 13.63 -9.07
N GLN A 9 -1.93 13.14 -10.16
CA GLN A 9 -2.59 11.85 -10.15
C GLN A 9 -1.62 10.76 -9.67
N VAL A 10 -0.34 11.05 -9.81
CA VAL A 10 0.70 10.12 -9.41
C VAL A 10 0.58 9.86 -7.91
N ALA A 11 0.01 10.83 -7.21
CA ALA A 11 -0.17 10.72 -5.77
C ALA A 11 -1.31 9.75 -5.47
N LEU A 12 -2.20 9.61 -6.44
CA LEU A 12 -3.34 8.73 -6.29
C LEU A 12 -2.87 7.28 -6.44
N LEU A 13 -1.75 7.11 -7.13
CA LEU A 13 -1.18 5.80 -7.34
C LEU A 13 -0.54 5.30 -6.05
N LYS A 14 -0.09 6.25 -5.25
CA LYS A 14 0.54 5.92 -3.98
C LYS A 14 -0.53 5.52 -2.97
N ALA A 15 -1.77 5.86 -3.30
CA ALA A 15 -2.90 5.53 -2.44
C ALA A 15 -3.21 4.04 -2.55
N LEU A 16 -3.00 3.52 -3.76
CA LEU A 16 -3.25 2.11 -4.01
C LEU A 16 -2.14 1.26 -3.38
N TYR A 17 -1.04 1.93 -3.09
CA TYR A 17 0.11 1.27 -2.48
C TYR A 17 -0.14 0.98 -1.01
N GLY A 18 -1.07 1.74 -0.44
CA GLY A 18 -1.41 1.57 0.97
C GLY A 18 -2.20 0.28 1.20
N HIS A 19 -2.73 -0.26 0.11
CA HIS A 19 -3.50 -1.48 0.16
C HIS A 19 -2.56 -2.66 0.51
N GLY A 20 -1.29 -2.46 0.22
CA GLY A 20 -0.28 -3.48 0.48
C GLY A 20 -0.01 -3.59 1.99
N GLN A 21 -0.42 -2.56 2.71
CA GLN A 21 -0.23 -2.54 4.16
C GLN A 21 -1.28 -3.41 4.85
N ILE A 22 -2.39 -3.61 4.15
CA ILE A 22 -3.47 -4.42 4.69
C ILE A 22 -3.20 -5.89 4.39
N SER A 23 -2.00 -6.14 3.87
CA SER A 23 -1.61 -7.50 3.53
C SER A 23 -1.34 -8.30 4.81
N HIS A 24 -1.07 -7.57 5.89
CA HIS A 24 -0.80 -8.20 7.16
C HIS A 24 -2.05 -8.93 7.66
N LYS A 25 -3.20 -8.40 7.27
CA LYS A 25 -4.46 -9.00 7.67
C LYS A 25 -4.59 -10.38 7.03
N ARG A 26 -3.75 -10.62 6.03
CA ARG A 26 -3.75 -11.90 5.33
C ARG A 26 -3.34 -13.02 6.28
N HIS A 27 -2.80 -12.62 7.43
CA HIS A 27 -2.36 -13.58 8.43
C HIS A 27 -3.57 -14.17 9.15
N LYS A 28 -4.71 -13.52 8.94
CA LYS A 28 -5.94 -13.97 9.56
C LYS A 28 -6.55 -15.11 8.73
N THR A 29 -6.20 -15.10 7.45
CA THR A 29 -6.70 -16.12 6.54
C THR A 29 -5.97 -17.45 6.78
N ASP A 30 -4.77 -17.34 7.31
CA ASP A 30 -3.96 -18.52 7.59
C ASP A 30 -4.51 -19.21 8.84
N SER A 31 -5.24 -18.44 9.63
CA SER A 31 -5.82 -18.98 10.85
C SER A 31 -6.71 -20.18 10.53
N PHE A 32 -7.16 -20.22 9.29
CA PHE A 32 -8.02 -21.31 8.84
C PHE A 32 -7.37 -22.66 9.10
N VAL A 33 -6.05 -22.64 9.26
CA VAL A 33 -5.30 -23.86 9.52
C VAL A 33 -5.82 -24.50 10.81
N GLY A 34 -6.44 -23.68 11.63
CA GLY A 34 -6.99 -24.15 12.89
C GLY A 34 -8.15 -25.10 12.67
N LEU A 35 -8.68 -25.06 11.45
CA LEU A 35 -9.80 -25.91 11.08
C LEU A 35 -9.30 -27.34 10.86
N MET A 36 -8.01 -27.44 10.59
CA MET A 36 -7.40 -28.74 10.35
C MET A 36 -6.96 -29.39 11.67
N ASP A 1 5.23 23.69 -17.54
CA ASP A 1 3.94 24.35 -17.62
C ASP A 1 3.14 24.04 -16.35
N ALA A 2 2.07 24.80 -16.16
CA ALA A 2 1.22 24.62 -14.99
C ALA A 2 0.37 23.37 -15.18
N ASP A 3 0.31 22.90 -16.42
CA ASP A 3 -0.46 21.72 -16.75
C ASP A 3 0.19 20.50 -16.09
N SER A 4 1.44 20.68 -15.69
CA SER A 4 2.18 19.60 -15.05
C SER A 4 1.52 19.23 -13.72
N SER A 5 0.60 20.08 -13.29
CA SER A 5 -0.10 19.87 -12.04
C SER A 5 -1.05 18.67 -12.18
N ILE A 6 -1.23 18.23 -13.42
CA ILE A 6 -2.09 17.10 -13.69
C ILE A 6 -1.40 15.81 -13.27
N GLU A 7 -0.10 15.92 -13.06
CA GLU A 7 0.69 14.76 -12.64
C GLU A 7 0.43 14.44 -11.17
N LYS A 8 -0.40 15.27 -10.56
CA LYS A 8 -0.75 15.08 -9.16
C LYS A 8 -1.41 13.71 -8.98
N GLN A 9 -1.95 13.21 -10.08
CA GLN A 9 -2.62 11.92 -10.05
C GLN A 9 -1.63 10.82 -9.63
N VAL A 10 -0.35 11.17 -9.69
CA VAL A 10 0.69 10.24 -9.31
C VAL A 10 0.58 9.92 -7.82
N ALA A 11 -0.01 10.86 -7.09
CA ALA A 11 -0.17 10.69 -5.66
C ALA A 11 -1.30 9.70 -5.39
N LEU A 12 -2.20 9.57 -6.37
CA LEU A 12 -3.32 8.66 -6.26
C LEU A 12 -2.82 7.22 -6.44
N LEU A 13 -1.70 7.11 -7.15
CA LEU A 13 -1.12 5.80 -7.41
C LEU A 13 -0.52 5.25 -6.13
N LYS A 14 -0.04 6.16 -5.29
CA LYS A 14 0.56 5.77 -4.03
C LYS A 14 -0.55 5.40 -3.03
N ALA A 15 -1.77 5.75 -3.41
CA ALA A 15 -2.92 5.46 -2.57
C ALA A 15 -3.26 3.97 -2.66
N LEU A 16 -2.99 3.42 -3.84
CA LEU A 16 -3.26 2.01 -4.08
C LEU A 16 -2.20 1.17 -3.37
N TYR A 17 -1.03 1.76 -3.18
CA TYR A 17 0.07 1.09 -2.53
C TYR A 17 -0.16 1.01 -1.03
N GLY A 18 -1.06 1.85 -0.55
CA GLY A 18 -1.38 1.88 0.87
C GLY A 18 -2.06 0.59 1.31
N HIS A 19 -2.49 -0.18 0.32
CA HIS A 19 -3.15 -1.45 0.59
C HIS A 19 -2.11 -2.51 0.95
N GLY A 20 -0.86 -2.20 0.66
CA GLY A 20 0.23 -3.11 0.94
C GLY A 20 0.53 -3.16 2.44
N GLN A 21 0.01 -2.17 3.14
CA GLN A 21 0.20 -2.08 4.58
C GLN A 21 -0.59 -3.19 5.29
N ILE A 22 -1.47 -3.82 4.54
CA ILE A 22 -2.29 -4.89 5.07
C ILE A 22 -1.52 -6.20 4.99
N SER A 23 -0.25 -6.09 4.61
CA SER A 23 0.60 -7.26 4.48
C SER A 23 1.02 -7.75 5.87
N HIS A 24 0.92 -6.85 6.84
CA HIS A 24 1.29 -7.18 8.20
C HIS A 24 0.34 -8.25 8.75
N LYS A 25 -0.88 -8.24 8.22
CA LYS A 25 -1.88 -9.20 8.65
C LYS A 25 -1.46 -10.61 8.20
N ARG A 26 -0.57 -10.63 7.21
CA ARG A 26 -0.08 -11.90 6.68
C ARG A 26 0.96 -12.50 7.63
N HIS A 27 1.50 -11.64 8.49
CA HIS A 27 2.51 -12.07 9.45
C HIS A 27 1.83 -12.86 10.57
N LYS A 28 0.52 -12.76 10.62
CA LYS A 28 -0.25 -13.46 11.64
C LYS A 28 -0.24 -14.95 11.34
N THR A 29 -0.04 -15.27 10.07
CA THR A 29 0.00 -16.67 9.63
C THR A 29 1.32 -17.32 10.07
N ASP A 30 2.33 -16.48 10.21
CA ASP A 30 3.64 -16.96 10.62
C ASP A 30 3.63 -17.31 12.10
N SER A 31 2.66 -16.72 12.80
CA SER A 31 2.52 -16.96 14.23
C SER A 31 2.36 -18.46 14.49
N PHE A 32 2.01 -19.18 13.44
CA PHE A 32 1.81 -20.62 13.55
C PHE A 32 3.15 -21.34 13.64
N VAL A 33 4.22 -20.56 13.58
CA VAL A 33 5.56 -21.12 13.66
C VAL A 33 5.78 -21.73 15.04
N GLY A 34 4.91 -21.34 15.97
CA GLY A 34 4.99 -21.84 17.33
C GLY A 34 4.28 -23.18 17.47
N LEU A 35 3.52 -23.51 16.44
CA LEU A 35 2.77 -24.76 16.44
C LEU A 35 3.64 -25.86 15.82
N MET A 36 4.93 -25.58 15.74
CA MET A 36 5.87 -26.54 15.19
C MET A 36 6.17 -27.66 16.19
N ASP A 1 4.88 24.15 -17.09
CA ASP A 1 3.80 25.02 -16.65
C ASP A 1 3.05 24.36 -15.49
N ALA A 2 2.19 25.15 -14.85
CA ALA A 2 1.41 24.66 -13.74
C ALA A 2 0.49 23.54 -14.22
N ASP A 3 0.31 23.47 -15.54
CA ASP A 3 -0.54 22.46 -16.13
C ASP A 3 -0.02 21.07 -15.75
N SER A 4 1.22 21.04 -15.29
CA SER A 4 1.85 19.79 -14.89
C SER A 4 1.20 19.28 -13.60
N SER A 5 0.34 20.11 -13.03
CA SER A 5 -0.35 19.76 -11.81
C SER A 5 -1.14 18.46 -12.01
N ILE A 6 -1.40 18.15 -13.27
CA ILE A 6 -2.13 16.94 -13.61
C ILE A 6 -1.34 15.72 -13.16
N GLU A 7 -0.06 15.95 -12.89
CA GLU A 7 0.82 14.87 -12.46
C GLU A 7 0.46 14.44 -11.03
N LYS A 8 -0.42 15.21 -10.42
CA LYS A 8 -0.86 14.92 -9.06
C LYS A 8 -1.50 13.54 -9.02
N GLN A 9 -1.97 13.11 -10.19
CA GLN A 9 -2.61 11.81 -10.30
C GLN A 9 -1.65 10.70 -9.87
N VAL A 10 -0.37 11.06 -9.80
CA VAL A 10 0.66 10.12 -9.40
C VAL A 10 0.56 9.87 -7.89
N ALA A 11 0.00 10.85 -7.21
CA ALA A 11 -0.16 10.77 -5.76
C ALA A 11 -1.30 9.80 -5.44
N LEU A 12 -2.19 9.65 -6.40
CA LEU A 12 -3.33 8.77 -6.22
C LEU A 12 -2.87 7.31 -6.36
N LEU A 13 -1.77 7.14 -7.07
CA LEU A 13 -1.21 5.81 -7.27
C LEU A 13 -0.53 5.35 -5.99
N LYS A 14 -0.14 6.32 -5.18
CA LYS A 14 0.53 6.02 -3.92
C LYS A 14 -0.50 5.52 -2.91
N ALA A 15 -1.75 5.90 -3.15
CA ALA A 15 -2.83 5.49 -2.27
C ALA A 15 -3.18 4.03 -2.53
N LEU A 16 -2.85 3.59 -3.74
CA LEU A 16 -3.12 2.22 -4.12
C LEU A 16 -2.10 1.29 -3.45
N TYR A 17 -0.95 1.86 -3.13
CA TYR A 17 0.11 1.10 -2.48
C TYR A 17 -0.22 0.86 -1.01
N GLY A 18 -1.09 1.71 -0.48
CA GLY A 18 -1.49 1.61 0.91
C GLY A 18 -2.16 0.26 1.19
N HIS A 19 -2.57 -0.39 0.11
CA HIS A 19 -3.23 -1.69 0.22
C HIS A 19 -2.17 -2.79 0.32
N GLY A 20 -0.95 -2.43 -0.03
CA GLY A 20 0.15 -3.38 0.01
C GLY A 20 0.79 -3.40 1.40
N GLN A 21 0.27 -2.55 2.28
CA GLN A 21 0.78 -2.46 3.63
C GLN A 21 0.53 -3.76 4.38
N ILE A 22 -0.28 -4.61 3.77
CA ILE A 22 -0.62 -5.90 4.36
C ILE A 22 0.65 -6.75 4.45
N SER A 23 1.69 -6.29 3.78
CA SER A 23 2.96 -7.00 3.78
C SER A 23 3.78 -6.61 5.01
N HIS A 24 3.26 -5.64 5.74
CA HIS A 24 3.93 -5.16 6.94
C HIS A 24 3.54 -6.04 8.13
N LYS A 25 2.50 -6.84 7.92
CA LYS A 25 2.03 -7.74 8.96
C LYS A 25 2.84 -9.03 8.93
N ARG A 26 3.41 -9.30 7.76
CA ARG A 26 4.21 -10.50 7.58
C ARG A 26 5.66 -10.25 8.05
N HIS A 27 5.97 -8.98 8.19
CA HIS A 27 7.31 -8.59 8.62
C HIS A 27 7.57 -9.14 10.02
N LYS A 28 6.49 -9.43 10.72
CA LYS A 28 6.59 -9.95 12.07
C LYS A 28 7.24 -11.33 12.03
N THR A 29 7.09 -11.99 10.89
CA THR A 29 7.66 -13.32 10.70
C THR A 29 9.18 -13.23 10.53
N ASP A 30 9.62 -12.07 10.05
CA ASP A 30 11.04 -11.85 9.83
C ASP A 30 11.74 -11.62 11.17
N SER A 31 10.93 -11.25 12.15
CA SER A 31 11.46 -10.99 13.48
C SER A 31 12.22 -12.23 13.99
N PHE A 32 11.93 -13.35 13.36
CA PHE A 32 12.58 -14.60 13.73
C PHE A 32 14.08 -14.56 13.39
N VAL A 33 14.46 -13.55 12.64
CA VAL A 33 15.85 -13.38 12.24
C VAL A 33 16.73 -13.30 13.50
N GLY A 34 16.09 -12.93 14.61
CA GLY A 34 16.80 -12.82 15.87
C GLY A 34 17.11 -14.21 16.45
N LEU A 35 16.42 -15.20 15.91
CA LEU A 35 16.61 -16.57 16.37
C LEU A 35 17.95 -17.10 15.85
N MET A 36 18.41 -16.46 14.79
CA MET A 36 19.68 -16.85 14.18
C MET A 36 20.86 -16.46 15.07
#